data_6RV7
#
_entry.id   6RV7
#
_cell.length_a   84.781
_cell.length_b   84.781
_cell.length_c   260.380
_cell.angle_alpha   90.000
_cell.angle_beta   90.000
_cell.angle_gamma   90.000
#
_symmetry.space_group_name_H-M   'P 41 21 2'
#
loop_
_entity.id
_entity.type
_entity.pdbx_description
1 polymer '4-O-methyl-glucuronoyl methylesterase'
2 branched '4-O-methyl-alpha-D-glucopyranuronic acid-(1-2)-beta-D-xylopyranose-(1-4)-beta-D-xylopyranose-(1-4)-Xylitol'
3 branched beta-D-xylopyranose-(1-4)-beta-D-xylopyranose
4 non-polymer 2-acetamido-2-deoxy-beta-D-glucopyranose
5 non-polymer 1,2-ETHANEDIOL
6 water water
#
_entity_poly.entity_id   1
_entity_poly.type   'polypeptide(L)'
_entity_poly.pdbx_seq_one_letter_code
;EAEAEFGACGAIASTVPNYNNAKLPDPFTFANGTALRTKADWSCRRAEISALIQNYEAGTLPPKPPVVTASFSKSGNTGT
LAITAGLSNSQTIKFSPTISYPSGTPPANGWPLIIAYEGGSIPIPAGVATLTYSNSDMAQQNSASSRGQGLFYQLYGSTH
SASAMTAWVWGVSRIIDALEMTPTAQINTQRIGVTGCARDGKGALMAGAFEERIALTIPQESGSGGDACWRLSKYEIDNG
NQVQDAVEIVGENVWFSTNFNNYVQKLPTVPEDHHLLAAMVAPRAMISFENTDYLWLSPMSSFGCMTAAHTVWQGLGIAD
SHGFAQVGGHAHCAWPSSLTPQLNAFINRFLLDQSATTNVFTTNNQFGKVQWNAANWITWTTPTLTENLYFQGVDHHHHH
H
;
_entity_poly.pdbx_strand_id   A,B
#
# COMPACT_ATOMS: atom_id res chain seq x y z
N ALA A 8 23.33 16.17 -23.85
CA ALA A 8 23.97 14.98 -23.29
C ALA A 8 23.62 13.71 -24.07
N CYS A 9 22.61 13.81 -24.93
CA CYS A 9 22.28 12.71 -25.84
C CYS A 9 22.77 12.98 -27.26
N GLY A 10 23.42 14.11 -27.49
CA GLY A 10 23.79 14.48 -28.84
C GLY A 10 22.58 14.94 -29.64
N ALA A 11 22.78 15.00 -30.95
CA ALA A 11 21.68 15.36 -31.84
C ALA A 11 20.72 14.19 -31.96
N ILE A 12 19.46 14.43 -31.60
CA ILE A 12 18.46 13.36 -31.61
C ILE A 12 18.00 13.15 -33.05
N ALA A 13 18.08 11.90 -33.51
CA ALA A 13 17.59 11.55 -34.83
C ALA A 13 16.07 11.50 -34.82
N SER A 14 15.43 12.14 -35.80
CA SER A 14 13.98 12.06 -35.93
C SER A 14 13.52 11.32 -37.17
N THR A 15 14.44 10.94 -38.07
CA THR A 15 14.13 10.11 -39.22
C THR A 15 15.21 9.06 -39.39
N VAL A 16 14.83 7.93 -39.96
CA VAL A 16 15.78 6.88 -40.37
C VAL A 16 15.43 6.51 -41.80
N PRO A 17 15.91 7.27 -42.79
CA PRO A 17 15.38 7.13 -44.15
C PRO A 17 15.64 5.78 -44.78
N ASN A 18 16.70 5.08 -44.41
CA ASN A 18 17.09 3.80 -44.98
CA ASN A 18 16.98 3.80 -45.06
C ASN A 18 16.49 2.61 -44.25
N TYR A 19 15.64 2.83 -43.25
CA TYR A 19 15.18 1.73 -42.42
C TYR A 19 14.27 0.78 -43.20
N ASN A 20 14.43 -0.53 -42.94
CA ASN A 20 13.58 -1.51 -43.60
C ASN A 20 13.69 -2.82 -42.81
N ASN A 21 12.72 -3.06 -41.94
CA ASN A 21 12.78 -4.18 -41.01
C ASN A 21 11.36 -4.71 -40.85
N ALA A 22 11.10 -5.90 -41.40
CA ALA A 22 9.76 -6.48 -41.28
C ALA A 22 9.47 -6.96 -39.87
N LYS A 23 10.49 -7.20 -39.05
CA LYS A 23 10.26 -7.62 -37.68
C LYS A 23 10.24 -6.39 -36.77
N LEU A 24 10.18 -6.60 -35.45
CA LEU A 24 10.03 -5.45 -34.55
C LEU A 24 11.36 -4.71 -34.40
N PRO A 25 11.36 -3.38 -34.50
CA PRO A 25 12.58 -2.61 -34.22
C PRO A 25 13.19 -2.95 -32.86
N ASP A 26 14.51 -2.94 -32.83
CA ASP A 26 15.30 -3.32 -31.66
C ASP A 26 15.32 -2.19 -30.64
N PRO A 27 14.73 -2.37 -29.44
CA PRO A 27 14.78 -1.28 -28.45
C PRO A 27 16.19 -0.88 -28.07
N PHE A 28 17.16 -1.81 -28.15
CA PHE A 28 18.46 -1.62 -27.53
C PHE A 28 19.54 -1.15 -28.52
N THR A 29 19.15 -0.68 -29.70
CA THR A 29 20.11 -0.09 -30.62
C THR A 29 19.57 1.25 -31.09
N PHE A 30 20.37 2.30 -30.89
CA PHE A 30 20.06 3.63 -31.40
C PHE A 30 20.00 3.62 -32.92
N ALA A 31 19.36 4.65 -33.48
CA ALA A 31 19.30 4.79 -34.93
C ALA A 31 20.69 4.78 -35.56
N ASN A 32 21.68 5.37 -34.90
CA ASN A 32 23.02 5.43 -35.47
C ASN A 32 23.81 4.14 -35.29
N GLY A 33 23.20 3.08 -34.76
CA GLY A 33 23.85 1.79 -34.62
C GLY A 33 24.59 1.57 -33.32
N THR A 34 24.65 2.57 -32.44
CA THR A 34 25.23 2.40 -31.12
C THR A 34 24.34 1.50 -30.26
N ALA A 35 24.95 0.54 -29.56
CA ALA A 35 24.19 -0.34 -28.69
C ALA A 35 24.02 0.31 -27.32
N LEU A 36 22.80 0.19 -26.76
CA LEU A 36 22.59 0.60 -25.38
C LEU A 36 23.36 -0.30 -24.44
N ARG A 37 23.96 0.29 -23.42
CA ARG A 37 24.74 -0.48 -22.47
C ARG A 37 24.40 -0.18 -21.02
N THR A 38 24.05 1.07 -20.71
CA THR A 38 23.82 1.51 -19.35
C THR A 38 22.35 1.84 -19.16
N LYS A 39 21.92 1.91 -17.90
CA LYS A 39 20.56 2.35 -17.63
C LYS A 39 20.37 3.80 -18.08
N ALA A 40 21.40 4.62 -17.90
CA ALA A 40 21.34 6.01 -18.37
C ALA A 40 21.10 6.08 -19.87
N ASP A 41 21.69 5.16 -20.63
CA ASP A 41 21.46 5.14 -22.08
C ASP A 41 19.97 5.08 -22.42
N TRP A 42 19.14 4.48 -21.56
CA TRP A 42 17.72 4.37 -21.88
C TRP A 42 17.07 5.76 -21.97
N SER A 43 17.49 6.69 -21.11
CA SER A 43 16.94 8.04 -21.19
C SER A 43 17.14 8.64 -22.57
N CYS A 44 18.36 8.50 -23.11
CA CYS A 44 18.62 9.00 -24.46
C CYS A 44 17.85 8.23 -25.51
N ARG A 45 17.78 6.90 -25.39
CA ARG A 45 17.03 6.12 -26.37
C ARG A 45 15.56 6.49 -26.34
N ARG A 46 15.01 6.73 -25.14
CA ARG A 46 13.61 7.13 -25.03
C ARG A 46 13.38 8.46 -25.75
N ALA A 47 14.33 9.39 -25.59
CA ALA A 47 14.21 10.68 -26.27
C ALA A 47 14.23 10.50 -27.78
N GLU A 48 15.06 9.58 -28.28
CA GLU A 48 15.08 9.30 -29.71
C GLU A 48 13.77 8.66 -30.18
N ILE A 49 13.26 7.68 -29.44
CA ILE A 49 11.98 7.08 -29.78
C ILE A 49 10.88 8.13 -29.82
N SER A 50 10.89 9.05 -28.84
CA SER A 50 9.89 10.12 -28.86
C SER A 50 9.94 10.88 -30.17
N ALA A 51 11.15 11.24 -30.62
CA ALA A 51 11.29 12.00 -31.86
C ALA A 51 10.82 11.19 -33.06
N LEU A 52 11.18 9.90 -33.10
CA LEU A 52 10.76 9.04 -34.20
C LEU A 52 9.25 8.87 -34.22
N ILE A 53 8.65 8.64 -33.06
CA ILE A 53 7.19 8.47 -33.05
C ILE A 53 6.51 9.77 -33.50
N GLN A 54 7.00 10.92 -33.03
CA GLN A 54 6.42 12.18 -33.51
C GLN A 54 6.57 12.31 -35.03
N ASN A 55 7.73 11.95 -35.55
CA ASN A 55 7.95 12.16 -36.98
C ASN A 55 7.05 11.27 -37.82
N TYR A 56 6.93 9.99 -37.44
CA TYR A 56 6.28 9.04 -38.33
C TYR A 56 4.78 8.89 -38.10
N GLU A 57 4.31 9.01 -36.86
CA GLU A 57 2.89 8.72 -36.64
C GLU A 57 2.15 9.68 -35.72
N ALA A 58 2.82 10.46 -34.88
CA ALA A 58 2.08 11.20 -33.85
C ALA A 58 2.03 12.71 -34.09
N GLY A 59 2.90 13.23 -34.95
CA GLY A 59 2.98 14.67 -35.14
C GLY A 59 3.74 15.33 -34.00
N THR A 60 3.89 16.64 -34.13
CA THR A 60 4.73 17.41 -33.21
C THR A 60 4.03 17.63 -31.87
N LEU A 61 4.71 17.24 -30.79
CA LEU A 61 4.21 17.54 -29.44
C LEU A 61 4.81 18.86 -28.98
N PRO A 62 4.03 19.95 -28.89
CA PRO A 62 4.62 21.24 -28.52
C PRO A 62 5.12 21.20 -27.09
N PRO A 63 6.15 21.99 -26.77
CA PRO A 63 6.61 22.10 -25.39
C PRO A 63 5.64 22.95 -24.58
N LYS A 64 5.90 23.03 -23.28
CA LYS A 64 5.11 23.89 -22.42
C LYS A 64 5.08 25.30 -23.00
N PRO A 65 3.91 25.92 -23.15
CA PRO A 65 3.85 27.28 -23.70
C PRO A 65 4.26 28.33 -22.67
N PRO A 66 4.57 29.55 -23.10
CA PRO A 66 5.06 30.55 -22.15
C PRO A 66 4.06 30.93 -21.08
N VAL A 67 2.76 30.85 -21.35
CA VAL A 67 1.74 31.18 -20.38
C VAL A 67 0.99 29.92 -20.00
N VAL A 68 1.04 29.56 -18.73
CA VAL A 68 0.17 28.54 -18.14
C VAL A 68 -0.28 29.07 -16.79
N THR A 69 -1.57 29.36 -16.65
CA THR A 69 -2.10 29.85 -15.38
C THR A 69 -3.13 28.87 -14.84
N ALA A 70 -3.23 28.79 -13.53
CA ALA A 70 -4.22 27.88 -12.97
C ALA A 70 -4.81 28.49 -11.71
N SER A 71 -6.10 28.27 -11.53
CA SER A 71 -6.78 28.62 -10.28
C SER A 71 -7.68 27.46 -9.91
N PHE A 72 -8.02 27.40 -8.62
CA PHE A 72 -8.68 26.23 -8.08
C PHE A 72 -9.80 26.68 -7.15
N SER A 73 -10.92 25.95 -7.21
CA SER A 73 -12.04 26.17 -6.29
C SER A 73 -12.68 24.81 -6.04
N LYS A 74 -13.30 24.68 -4.87
CA LYS A 74 -13.87 23.40 -4.46
C LYS A 74 -15.27 23.61 -3.91
N SER A 75 -16.18 22.71 -4.27
CA SER A 75 -17.56 22.73 -3.80
C SER A 75 -17.93 21.31 -3.38
N GLY A 76 -18.17 21.11 -2.09
CA GLY A 76 -18.35 19.74 -1.63
C GLY A 76 -17.07 18.97 -1.82
N ASN A 77 -17.15 17.80 -2.45
CA ASN A 77 -15.96 16.98 -2.70
C ASN A 77 -15.49 17.07 -4.15
N THR A 78 -15.93 18.09 -4.89
CA THR A 78 -15.55 18.27 -6.29
C THR A 78 -14.73 19.54 -6.43
N GLY A 79 -13.52 19.42 -6.97
CA GLY A 79 -12.68 20.57 -7.23
C GLY A 79 -12.70 20.89 -8.71
N THR A 80 -12.53 22.18 -9.02
CA THR A 80 -12.42 22.64 -10.39
C THR A 80 -11.08 23.34 -10.60
N LEU A 81 -10.29 22.80 -11.53
CA LEU A 81 -8.96 23.33 -11.84
C LEU A 81 -9.06 24.11 -13.15
N ALA A 82 -9.13 25.43 -13.04
CA ALA A 82 -9.34 26.28 -14.21
C ALA A 82 -7.98 26.68 -14.80
N ILE A 83 -7.71 26.22 -16.02
CA ILE A 83 -6.40 26.34 -16.64
C ILE A 83 -6.49 27.26 -17.84
N THR A 84 -5.51 28.14 -17.98
CA THR A 84 -5.32 28.94 -19.18
C THR A 84 -3.95 28.62 -19.75
N ALA A 85 -3.87 28.52 -21.08
CA ALA A 85 -2.59 28.28 -21.74
C ALA A 85 -2.47 29.28 -22.88
N GLY A 86 -1.31 29.91 -23.01
CA GLY A 86 -1.12 30.97 -23.98
C GLY A 86 0.24 30.92 -24.62
N LEU A 87 0.30 31.40 -25.86
CA LEU A 87 1.55 31.47 -26.62
C LEU A 87 2.10 32.89 -26.60
N SER A 88 3.35 33.03 -27.06
CA SER A 88 4.00 34.32 -27.10
C SER A 88 3.28 35.31 -28.00
N ASN A 89 2.43 34.84 -28.91
CA ASN A 89 1.68 35.72 -29.80
C ASN A 89 0.35 36.17 -29.21
N SER A 90 0.10 35.88 -27.93
CA SER A 90 -1.07 36.32 -27.17
C SER A 90 -2.25 35.35 -27.29
N GLN A 91 -2.19 34.38 -28.20
CA GLN A 91 -3.29 33.42 -28.32
C GLN A 91 -3.44 32.61 -27.04
N THR A 92 -4.69 32.40 -26.60
CA THR A 92 -4.91 31.61 -25.40
C THR A 92 -6.15 30.74 -25.57
N ILE A 93 -6.16 29.64 -24.81
CA ILE A 93 -7.31 28.76 -24.65
C ILE A 93 -7.46 28.49 -23.16
N LYS A 94 -8.62 27.97 -22.79
CA LYS A 94 -8.89 27.68 -21.39
C LYS A 94 -9.68 26.38 -21.31
N PHE A 95 -9.42 25.62 -20.24
CA PHE A 95 -10.22 24.42 -19.97
C PHE A 95 -10.16 24.15 -18.48
N SER A 96 -11.16 23.42 -17.98
CA SER A 96 -11.40 23.33 -16.54
C SER A 96 -11.80 21.92 -16.14
N PRO A 97 -10.82 21.01 -16.03
CA PRO A 97 -11.13 19.67 -15.53
C PRO A 97 -11.57 19.70 -14.08
N THR A 98 -12.36 18.69 -13.69
CA THR A 98 -12.81 18.55 -12.31
C THR A 98 -12.11 17.38 -11.64
N ILE A 99 -12.04 17.45 -10.32
CA ILE A 99 -11.43 16.43 -9.48
C ILE A 99 -12.45 15.99 -8.43
N SER A 100 -12.67 14.68 -8.34
CA SER A 100 -13.50 14.07 -7.30
C SER A 100 -12.59 13.58 -6.16
N TYR A 101 -12.82 14.08 -4.95
CA TYR A 101 -11.94 13.85 -3.79
C TYR A 101 -12.54 12.83 -2.84
N PRO A 102 -11.71 11.96 -2.25
CA PRO A 102 -12.13 11.26 -1.04
C PRO A 102 -12.40 12.26 0.07
N SER A 103 -13.26 11.88 1.02
CA SER A 103 -13.60 12.81 2.09
C SER A 103 -12.55 12.76 3.20
N GLY A 104 -12.45 13.87 3.92
CA GLY A 104 -11.67 13.90 5.14
C GLY A 104 -10.26 14.42 4.92
N THR A 105 -9.46 14.27 5.97
CA THR A 105 -8.09 14.78 5.95
C THR A 105 -7.27 14.01 4.93
N PRO A 106 -6.53 14.68 4.07
CA PRO A 106 -5.69 13.96 3.10
C PRO A 106 -4.37 13.55 3.71
N PRO A 107 -3.63 12.65 3.05
CA PRO A 107 -2.28 12.35 3.49
C PRO A 107 -1.41 13.61 3.46
N ALA A 108 -0.32 13.55 4.23
CA ALA A 108 0.53 14.73 4.40
C ALA A 108 0.90 15.37 3.07
N ASN A 109 1.26 14.55 2.08
CA ASN A 109 1.71 15.06 0.79
C ASN A 109 0.58 15.20 -0.22
N GLY A 110 -0.68 15.11 0.20
CA GLY A 110 -1.81 15.22 -0.69
C GLY A 110 -2.34 13.86 -1.13
N TRP A 111 -3.48 13.89 -1.84
CA TRP A 111 -4.11 12.69 -2.38
C TRP A 111 -3.36 12.18 -3.60
N PRO A 112 -3.10 10.88 -3.72
CA PRO A 112 -2.77 10.33 -5.03
C PRO A 112 -3.94 10.55 -5.96
N LEU A 113 -3.65 10.59 -7.26
CA LEU A 113 -4.61 11.04 -8.27
C LEU A 113 -4.49 10.20 -9.53
N ILE A 114 -5.63 9.83 -10.11
CA ILE A 114 -5.67 9.22 -11.43
C ILE A 114 -6.39 10.19 -12.36
N ILE A 115 -5.70 10.57 -13.44
CA ILE A 115 -6.27 11.34 -14.54
C ILE A 115 -7.00 10.35 -15.44
N ALA A 116 -8.32 10.43 -15.46
CA ALA A 116 -9.14 9.47 -16.18
C ALA A 116 -9.71 10.14 -17.42
N TYR A 117 -9.28 9.68 -18.60
CA TYR A 117 -9.82 10.20 -19.85
C TYR A 117 -11.32 9.97 -19.89
N GLU A 118 -12.11 11.05 -19.88
CA GLU A 118 -13.57 10.97 -19.91
C GLU A 118 -14.11 10.02 -18.84
N GLY A 119 -13.44 9.98 -17.70
CA GLY A 119 -13.89 9.22 -16.57
C GLY A 119 -13.28 7.84 -16.44
N GLY A 120 -12.73 7.30 -17.51
CA GLY A 120 -12.15 5.97 -17.48
C GLY A 120 -13.21 4.89 -17.33
N SER A 121 -12.76 3.63 -17.35
CA SER A 121 -13.66 2.49 -17.17
C SER A 121 -13.10 1.47 -16.17
N ILE A 122 -12.20 1.90 -15.30
CA ILE A 122 -11.68 1.04 -14.23
C ILE A 122 -12.26 1.48 -12.90
N PRO A 123 -12.41 0.58 -11.94
CA PRO A 123 -12.77 1.01 -10.58
C PRO A 123 -11.58 1.67 -9.92
N ILE A 124 -11.80 2.82 -9.33
CA ILE A 124 -10.76 3.60 -8.66
CA ILE A 124 -10.74 3.57 -8.66
C ILE A 124 -10.91 3.40 -7.16
N PRO A 125 -9.87 2.96 -6.44
CA PRO A 125 -10.00 2.75 -4.99
C PRO A 125 -10.37 4.02 -4.24
N ALA A 126 -10.82 3.83 -3.00
CA ALA A 126 -11.48 4.92 -2.26
C ALA A 126 -10.50 6.00 -1.82
N GLY A 127 -9.23 5.67 -1.65
CA GLY A 127 -8.25 6.65 -1.22
C GLY A 127 -7.55 7.39 -2.34
N VAL A 128 -8.03 7.29 -3.58
CA VAL A 128 -7.41 7.93 -4.73
C VAL A 128 -8.41 8.94 -5.30
N ALA A 129 -7.95 10.15 -5.56
CA ALA A 129 -8.79 11.14 -6.22
C ALA A 129 -8.84 10.86 -7.72
N THR A 130 -9.93 11.29 -8.36
CA THR A 130 -10.13 11.11 -9.79
C THR A 130 -10.27 12.46 -10.46
N LEU A 131 -9.42 12.75 -11.43
CA LEU A 131 -9.59 13.93 -12.27
C LEU A 131 -10.21 13.47 -13.58
N THR A 132 -11.34 14.07 -13.96
CA THR A 132 -12.01 13.75 -15.22
C THR A 132 -11.50 14.70 -16.30
N TYR A 133 -10.86 14.14 -17.30
CA TYR A 133 -10.23 14.90 -18.38
C TYR A 133 -11.10 14.74 -19.62
N SER A 134 -11.68 15.85 -20.11
CA SER A 134 -12.49 15.78 -21.33
C SER A 134 -11.56 15.89 -22.54
N ASN A 135 -10.91 14.77 -22.87
CA ASN A 135 -9.92 14.84 -23.94
C ASN A 135 -10.56 15.15 -25.29
N SER A 136 -11.82 14.73 -25.53
CA SER A 136 -12.43 15.00 -26.83
C SER A 136 -12.59 16.49 -27.06
N ASP A 137 -12.71 17.27 -25.99
CA ASP A 137 -12.78 18.72 -26.17
C ASP A 137 -11.42 19.29 -26.51
N MET A 138 -10.36 18.69 -25.99
CA MET A 138 -9.01 19.13 -26.33
C MET A 138 -8.69 18.82 -27.80
N ALA A 139 -9.12 17.65 -28.28
CA ALA A 139 -9.00 17.33 -29.71
C ALA A 139 -10.13 16.37 -30.06
N GLN A 140 -11.01 16.81 -30.96
CA GLN A 140 -12.17 15.99 -31.27
CA GLN A 140 -12.18 16.05 -31.39
C GLN A 140 -11.77 14.73 -32.06
N GLN A 141 -12.65 13.73 -31.97
CA GLN A 141 -12.30 12.39 -32.46
C GLN A 141 -13.57 11.66 -32.91
N ASN A 142 -14.41 12.34 -33.69
CA ASN A 142 -15.62 11.71 -34.22
C ASN A 142 -15.31 10.80 -35.41
N SER A 143 -14.47 11.26 -36.33
CA SER A 143 -14.16 10.55 -37.57
C SER A 143 -13.05 11.32 -38.25
N ALA A 144 -12.70 10.92 -39.48
CA ALA A 144 -11.73 11.71 -40.26
C ALA A 144 -12.15 13.17 -40.39
N SER A 145 -13.46 13.47 -40.29
CA SER A 145 -13.94 14.84 -40.37
C SER A 145 -13.41 15.74 -39.25
N SER A 146 -12.92 15.16 -38.15
CA SER A 146 -12.53 15.92 -36.98
C SER A 146 -11.13 16.53 -37.08
N ARG A 147 -10.44 16.31 -38.19
CA ARG A 147 -9.03 16.71 -38.29
C ARG A 147 -8.82 18.18 -37.93
N GLY A 148 -7.94 18.41 -36.95
CA GLY A 148 -7.57 19.76 -36.57
C GLY A 148 -8.62 20.52 -35.79
N GLN A 149 -9.63 19.84 -35.25
CA GLN A 149 -10.67 20.49 -34.45
C GLN A 149 -10.48 20.16 -32.97
N GLY A 150 -10.72 21.15 -32.12
CA GLY A 150 -10.57 21.02 -30.68
C GLY A 150 -9.80 22.19 -30.10
N LEU A 151 -9.86 22.28 -28.76
CA LEU A 151 -9.22 23.41 -28.08
C LEU A 151 -7.74 23.53 -28.44
N PHE A 152 -7.04 22.39 -28.50
CA PHE A 152 -5.60 22.44 -28.81
C PHE A 152 -5.34 23.22 -30.09
N TYR A 153 -6.17 23.00 -31.12
CA TYR A 153 -6.00 23.64 -32.41
C TYR A 153 -6.49 25.08 -32.42
N GLN A 154 -7.33 25.47 -31.46
CA GLN A 154 -7.65 26.88 -31.28
C GLN A 154 -6.48 27.64 -30.68
N LEU A 155 -5.49 26.93 -30.14
CA LEU A 155 -4.25 27.57 -29.69
C LEU A 155 -3.17 27.51 -30.77
N TYR A 156 -2.93 26.32 -31.32
CA TYR A 156 -1.79 26.11 -32.22
C TYR A 156 -2.13 26.19 -33.70
N GLY A 157 -3.40 26.21 -34.07
CA GLY A 157 -3.79 26.24 -35.47
C GLY A 157 -4.33 24.88 -35.90
N SER A 158 -5.37 24.90 -36.73
CA SER A 158 -6.00 23.66 -37.19
C SER A 158 -5.09 22.83 -38.09
N THR A 159 -4.03 23.42 -38.67
CA THR A 159 -3.12 22.64 -39.49
C THR A 159 -1.89 22.17 -38.74
N HIS A 160 -1.83 22.37 -37.41
CA HIS A 160 -0.71 21.86 -36.64
C HIS A 160 -0.62 20.34 -36.80
N SER A 161 0.60 19.82 -36.88
CA SER A 161 0.77 18.40 -37.21
C SER A 161 0.36 17.44 -36.11
N ALA A 162 0.25 17.90 -34.85
CA ALA A 162 -0.11 17.00 -33.76
C ALA A 162 -1.38 16.22 -34.08
N SER A 163 -1.32 14.91 -33.88
CA SER A 163 -2.50 14.07 -33.92
C SER A 163 -3.43 14.45 -32.78
N ALA A 164 -4.66 13.94 -32.83
CA ALA A 164 -5.56 14.15 -31.69
C ALA A 164 -4.95 13.59 -30.40
N MET A 165 -4.30 12.42 -30.45
CA MET A 165 -3.75 11.85 -29.23
C MET A 165 -2.56 12.67 -28.72
N THR A 166 -1.77 13.25 -29.62
CA THR A 166 -0.67 14.11 -29.19
C THR A 166 -1.19 15.38 -28.54
N ALA A 167 -2.25 15.97 -29.12
CA ALA A 167 -2.93 17.09 -28.49
C ALA A 167 -3.46 16.72 -27.10
N TRP A 168 -4.01 15.51 -26.96
CA TRP A 168 -4.47 15.08 -25.64
C TRP A 168 -3.31 15.03 -24.64
N VAL A 169 -2.16 14.48 -25.05
CA VAL A 169 -1.00 14.45 -24.16
C VAL A 169 -0.65 15.86 -23.71
N TRP A 170 -0.61 16.79 -24.67
CA TRP A 170 -0.29 18.18 -24.35
C TRP A 170 -1.21 18.70 -23.25
N GLY A 171 -2.50 18.40 -23.34
CA GLY A 171 -3.43 18.81 -22.31
C GLY A 171 -3.11 18.20 -20.95
N VAL A 172 -2.75 16.91 -20.93
CA VAL A 172 -2.38 16.27 -19.68
C VAL A 172 -1.16 16.96 -19.08
N SER A 173 -0.18 17.29 -19.91
CA SER A 173 0.99 18.00 -19.42
C SER A 173 0.61 19.34 -18.81
N ARG A 174 -0.37 20.05 -19.41
CA ARG A 174 -0.79 21.31 -18.82
C ARG A 174 -1.55 21.08 -17.50
N ILE A 175 -2.29 19.98 -17.40
CA ILE A 175 -2.94 19.64 -16.14
C ILE A 175 -1.91 19.42 -15.04
N ILE A 176 -0.84 18.69 -15.35
CA ILE A 176 0.15 18.44 -14.31
C ILE A 176 0.94 19.71 -13.99
N ASP A 177 1.21 20.55 -15.00
CA ASP A 177 1.76 21.89 -14.71
C ASP A 177 0.87 22.62 -13.72
N ALA A 178 -0.43 22.62 -13.98
CA ALA A 178 -1.38 23.34 -13.13
C ALA A 178 -1.40 22.76 -11.72
N LEU A 179 -1.32 21.43 -11.61
CA LEU A 179 -1.26 20.82 -10.28
C LEU A 179 0.01 21.24 -9.54
N GLU A 180 1.16 21.23 -10.24
CA GLU A 180 2.39 21.71 -9.61
C GLU A 180 2.26 23.15 -9.13
N MET A 181 1.52 23.98 -9.87
CA MET A 181 1.35 25.38 -9.52
C MET A 181 0.28 25.61 -8.47
N THR A 182 -0.51 24.59 -8.12
CA THR A 182 -1.71 24.77 -7.30
C THR A 182 -1.68 23.78 -6.13
N PRO A 183 -0.78 23.99 -5.17
CA PRO A 183 -0.74 23.11 -3.99
C PRO A 183 -2.06 23.05 -3.23
N THR A 184 -2.94 24.06 -3.36
CA THR A 184 -4.22 24.01 -2.67
C THR A 184 -5.16 22.95 -3.23
N ALA A 185 -4.86 22.38 -4.39
CA ALA A 185 -5.64 21.25 -4.86
C ALA A 185 -5.35 19.98 -4.07
N GLN A 186 -4.31 19.99 -3.24
CA GLN A 186 -4.04 18.90 -2.28
C GLN A 186 -3.80 17.57 -2.99
N ILE A 187 -3.07 17.62 -4.10
CA ILE A 187 -2.70 16.42 -4.86
C ILE A 187 -1.23 16.12 -4.60
N ASN A 188 -0.90 14.85 -4.43
CA ASN A 188 0.50 14.42 -4.37
C ASN A 188 0.98 14.32 -5.82
N THR A 189 1.73 15.32 -6.25
CA THR A 189 2.13 15.39 -7.65
C THR A 189 3.15 14.32 -8.02
N GLN A 190 3.70 13.60 -7.04
CA GLN A 190 4.57 12.46 -7.29
C GLN A 190 3.79 11.15 -7.44
N ARG A 191 2.46 11.20 -7.29
CA ARG A 191 1.63 10.00 -7.29
C ARG A 191 0.42 10.22 -8.19
N ILE A 192 0.70 10.50 -9.46
CA ILE A 192 -0.32 10.75 -10.47
C ILE A 192 -0.33 9.59 -11.45
N GLY A 193 -1.51 9.00 -11.66
CA GLY A 193 -1.71 7.99 -12.68
C GLY A 193 -2.59 8.51 -13.81
N VAL A 194 -2.71 7.68 -14.85
CA VAL A 194 -3.56 8.01 -16.01
C VAL A 194 -4.21 6.73 -16.51
N THR A 195 -5.46 6.85 -16.98
CA THR A 195 -6.18 5.68 -17.47
C THR A 195 -7.20 6.12 -18.51
N GLY A 196 -7.58 5.17 -19.36
CA GLY A 196 -8.66 5.37 -20.32
C GLY A 196 -8.95 4.06 -21.00
N CYS A 197 -10.14 3.98 -21.59
CA CYS A 197 -10.61 2.75 -22.21
C CYS A 197 -10.87 2.97 -23.70
N ALA A 198 -10.55 1.96 -24.49
CA ALA A 198 -10.84 1.93 -25.93
C ALA A 198 -10.06 3.06 -26.58
N ARG A 199 -10.68 3.93 -27.38
CA ARG A 199 -9.94 5.03 -27.98
C ARG A 199 -9.24 5.87 -26.91
N ASP A 200 -9.85 5.99 -25.73
CA ASP A 200 -9.21 6.74 -24.65
C ASP A 200 -8.08 5.96 -24.00
N GLY A 201 -8.03 4.64 -24.19
CA GLY A 201 -6.93 3.83 -23.73
C GLY A 201 -5.73 4.01 -24.65
N LYS A 202 -5.99 4.11 -25.97
CA LYS A 202 -4.91 4.57 -26.84
C LYS A 202 -4.38 5.90 -26.34
N GLY A 203 -5.27 6.81 -25.97
CA GLY A 203 -4.83 8.11 -25.48
C GLY A 203 -4.01 7.99 -24.21
N ALA A 204 -4.46 7.16 -23.26
CA ALA A 204 -3.76 7.05 -21.97
C ALA A 204 -2.35 6.48 -22.13
N LEU A 205 -2.18 5.54 -23.06
CA LEU A 205 -0.84 5.01 -23.29
C LEU A 205 0.08 6.11 -23.81
N MET A 206 -0.41 6.89 -24.79
CA MET A 206 0.37 8.02 -25.28
C MET A 206 0.73 8.98 -24.16
N ALA A 207 -0.22 9.28 -23.27
CA ALA A 207 0.07 10.21 -22.17
C ALA A 207 1.17 9.67 -21.28
N GLY A 208 1.05 8.40 -20.85
CA GLY A 208 2.07 7.85 -19.96
C GLY A 208 3.43 7.77 -20.62
N ALA A 209 3.46 7.45 -21.91
CA ALA A 209 4.72 7.33 -22.64
C ALA A 209 5.44 8.68 -22.72
N PHE A 210 4.71 9.74 -23.07
CA PHE A 210 5.34 11.01 -23.40
C PHE A 210 5.45 11.96 -22.21
N GLU A 211 4.66 11.78 -21.15
CA GLU A 211 4.64 12.71 -20.02
C GLU A 211 5.25 11.99 -18.82
N GLU A 212 6.53 12.29 -18.55
CA GLU A 212 7.32 11.54 -17.58
C GLU A 212 6.87 11.76 -16.14
N ARG A 213 6.02 12.73 -15.88
CA ARG A 213 5.57 12.94 -14.51
C ARG A 213 4.46 11.99 -14.11
N ILE A 214 4.03 11.09 -15.00
CA ILE A 214 2.99 10.12 -14.68
C ILE A 214 3.63 8.88 -14.07
N ALA A 215 3.27 8.59 -12.82
CA ALA A 215 3.85 7.47 -12.09
C ALA A 215 3.27 6.12 -12.50
N LEU A 216 2.00 6.07 -12.94
CA LEU A 216 1.38 4.79 -13.28
C LEU A 216 0.45 5.00 -14.46
N THR A 217 0.63 4.19 -15.51
CA THR A 217 -0.17 4.27 -16.74
C THR A 217 -1.04 3.03 -16.85
N ILE A 218 -2.34 3.23 -17.09
CA ILE A 218 -3.28 2.09 -17.11
C ILE A 218 -4.16 2.12 -18.37
N PRO A 219 -3.66 1.64 -19.52
CA PRO A 219 -4.51 1.57 -20.72
C PRO A 219 -5.42 0.35 -20.69
N GLN A 220 -6.69 0.55 -21.01
CA GLN A 220 -7.71 -0.49 -20.93
C GLN A 220 -8.30 -0.75 -22.31
N GLU A 221 -8.16 -1.99 -22.80
CA GLU A 221 -8.67 -2.39 -24.11
C GLU A 221 -8.39 -1.35 -25.20
N SER A 222 -7.11 -0.99 -25.33
CA SER A 222 -6.71 0.08 -26.25
C SER A 222 -6.55 -0.41 -27.69
N GLY A 223 -6.30 -1.70 -27.90
CA GLY A 223 -6.32 -2.28 -29.24
C GLY A 223 -5.31 -1.67 -30.20
N SER A 224 -5.68 -1.68 -31.48
CA SER A 224 -4.83 -1.15 -32.54
C SER A 224 -4.59 0.33 -32.33
N GLY A 225 -3.33 0.75 -32.44
CA GLY A 225 -2.96 2.11 -32.14
C GLY A 225 -2.79 2.38 -30.66
N GLY A 226 -3.00 1.36 -29.83
CA GLY A 226 -2.69 1.36 -28.42
C GLY A 226 -1.58 0.37 -28.10
N ASP A 227 -1.86 -0.64 -27.27
CA ASP A 227 -0.81 -1.58 -26.91
C ASP A 227 -0.64 -2.73 -27.93
N ALA A 228 -1.29 -2.65 -29.08
CA ALA A 228 -0.97 -3.54 -30.19
C ALA A 228 0.11 -2.91 -31.07
N CYS A 229 0.86 -3.76 -31.76
CA CYS A 229 1.91 -3.32 -32.69
C CYS A 229 1.37 -3.31 -34.10
N TRP A 230 1.80 -2.33 -34.92
CA TRP A 230 1.34 -2.23 -36.31
C TRP A 230 1.75 -3.46 -37.11
N ARG A 231 3.01 -3.88 -36.98
CA ARG A 231 3.50 -5.00 -37.78
C ARG A 231 2.77 -6.30 -37.44
N LEU A 232 2.51 -6.55 -36.14
CA LEU A 232 1.82 -7.78 -35.77
C LEU A 232 0.36 -7.75 -36.22
N SER A 233 -0.28 -6.58 -36.19
CA SER A 233 -1.66 -6.48 -36.63
C SER A 233 -1.78 -6.68 -38.13
N LYS A 234 -0.75 -6.24 -38.88
CA LYS A 234 -0.73 -6.51 -40.32
C LYS A 234 -0.66 -8.01 -40.58
N TYR A 235 0.17 -8.73 -39.82
CA TYR A 235 0.21 -10.19 -39.90
C TYR A 235 -1.15 -10.79 -39.58
N GLU A 236 -1.83 -10.30 -38.55
CA GLU A 236 -3.15 -10.82 -38.21
C GLU A 236 -4.14 -10.62 -39.35
N ILE A 237 -4.18 -9.41 -39.92
CA ILE A 237 -5.22 -9.15 -40.92
C ILE A 237 -4.93 -9.94 -42.20
N ASP A 238 -3.64 -10.12 -42.53
CA ASP A 238 -3.29 -10.91 -43.70
C ASP A 238 -3.66 -12.37 -43.54
N ASN A 239 -3.78 -12.86 -42.31
CA ASN A 239 -4.07 -14.27 -42.08
C ASN A 239 -5.51 -14.50 -41.62
N GLY A 240 -6.39 -13.51 -41.83
CA GLY A 240 -7.82 -13.75 -41.71
C GLY A 240 -8.49 -13.33 -40.41
N ASN A 241 -7.75 -12.84 -39.43
CA ASN A 241 -8.38 -12.22 -38.26
C ASN A 241 -8.91 -10.85 -38.64
N GLN A 242 -10.13 -10.54 -38.21
CA GLN A 242 -10.77 -9.28 -38.58
CA GLN A 242 -10.79 -9.28 -38.56
C GLN A 242 -10.40 -8.21 -37.54
N VAL A 243 -9.11 -7.81 -37.63
CA VAL A 243 -8.53 -6.85 -36.72
C VAL A 243 -8.58 -5.46 -37.31
N GLN A 244 -8.50 -4.46 -36.43
CA GLN A 244 -8.15 -3.10 -36.82
C GLN A 244 -6.66 -3.06 -37.12
N ASP A 245 -6.29 -2.36 -38.20
CA ASP A 245 -4.88 -2.29 -38.59
C ASP A 245 -4.54 -0.86 -38.98
N ALA A 246 -3.26 -0.63 -39.27
CA ALA A 246 -2.80 0.72 -39.60
C ALA A 246 -3.55 1.30 -40.79
N VAL A 247 -3.81 0.49 -41.82
CA VAL A 247 -4.42 1.01 -43.03
C VAL A 247 -5.82 1.54 -42.72
N GLU A 248 -6.62 0.74 -41.99
CA GLU A 248 -7.98 1.15 -41.67
C GLU A 248 -8.02 2.32 -40.69
N ILE A 249 -7.10 2.35 -39.72
CA ILE A 249 -7.29 3.26 -38.59
C ILE A 249 -7.11 4.71 -39.03
N VAL A 250 -6.21 4.99 -39.97
CA VAL A 250 -5.99 6.37 -40.37
C VAL A 250 -7.16 6.90 -41.19
N GLY A 251 -7.97 6.02 -41.78
CA GLY A 251 -9.18 6.48 -42.44
C GLY A 251 -10.39 6.63 -41.53
N GLU A 252 -10.32 6.01 -40.35
CA GLU A 252 -11.44 5.99 -39.42
C GLU A 252 -11.48 7.21 -38.51
N ASN A 253 -10.35 7.81 -38.20
CA ASN A 253 -10.35 8.87 -37.19
C ASN A 253 -9.05 9.66 -37.34
N VAL A 254 -8.75 10.49 -36.34
CA VAL A 254 -7.64 11.42 -36.42
C VAL A 254 -6.68 11.21 -35.26
N TRP A 255 -6.60 9.96 -34.80
CA TRP A 255 -5.71 9.61 -33.70
C TRP A 255 -4.23 9.68 -34.07
N PHE A 256 -3.90 9.75 -35.36
CA PHE A 256 -2.53 9.80 -35.82
C PHE A 256 -2.35 10.98 -36.76
N SER A 257 -1.08 11.34 -36.99
CA SER A 257 -0.79 12.48 -37.84
C SER A 257 -1.11 12.14 -39.30
N THR A 258 -1.34 13.18 -40.11
CA THR A 258 -1.58 12.92 -41.52
C THR A 258 -0.36 12.31 -42.18
N ASN A 259 0.84 12.58 -41.65
CA ASN A 259 2.05 11.97 -42.20
C ASN A 259 2.02 10.46 -42.09
N PHE A 260 1.36 9.90 -41.06
CA PHE A 260 1.31 8.45 -40.93
C PHE A 260 0.67 7.80 -42.15
N ASN A 261 -0.22 8.51 -42.85
CA ASN A 261 -0.81 7.95 -44.07
CA ASN A 261 -0.81 7.95 -44.07
C ASN A 261 0.25 7.50 -45.06
N ASN A 262 1.41 8.19 -45.08
CA ASN A 262 2.47 7.83 -46.01
C ASN A 262 3.16 6.52 -45.67
N TYR A 263 2.91 5.95 -44.48
CA TYR A 263 3.64 4.76 -44.05
C TYR A 263 2.76 3.54 -43.79
N VAL A 264 1.43 3.67 -43.78
CA VAL A 264 0.60 2.56 -43.31
C VAL A 264 0.67 1.37 -44.26
N GLN A 265 0.99 1.59 -45.54
CA GLN A 265 1.24 0.49 -46.47
C GLN A 265 2.71 0.09 -46.53
N LYS A 266 3.57 0.71 -45.73
CA LYS A 266 5.01 0.48 -45.78
C LYS A 266 5.55 0.35 -44.37
N LEU A 267 4.86 -0.43 -43.53
CA LEU A 267 5.23 -0.50 -42.12
C LEU A 267 6.68 -0.91 -41.86
N PRO A 268 7.32 -1.79 -42.66
CA PRO A 268 8.71 -2.14 -42.36
C PRO A 268 9.66 -0.95 -42.42
N THR A 269 9.30 0.13 -43.11
CA THR A 269 10.18 1.30 -43.20
C THR A 269 10.05 2.25 -42.02
N VAL A 270 9.12 1.99 -41.10
CA VAL A 270 8.93 2.84 -39.93
C VAL A 270 9.88 2.38 -38.83
N PRO A 271 10.80 3.23 -38.34
CA PRO A 271 11.81 2.76 -37.39
C PRO A 271 11.33 2.75 -35.94
N GLU A 272 10.05 2.43 -35.74
CA GLU A 272 9.50 2.23 -34.41
C GLU A 272 8.28 1.34 -34.56
N ASP A 273 7.83 0.79 -33.44
CA ASP A 273 6.48 0.25 -33.36
C ASP A 273 5.98 0.51 -31.95
N HIS A 274 4.77 0.05 -31.65
CA HIS A 274 4.19 0.46 -30.39
C HIS A 274 4.79 -0.26 -29.19
N HIS A 275 5.62 -1.28 -29.40
CA HIS A 275 6.41 -1.79 -28.28
C HIS A 275 7.40 -0.74 -27.80
N LEU A 276 7.92 0.10 -28.71
CA LEU A 276 8.80 1.19 -28.29
C LEU A 276 8.00 2.32 -27.65
N LEU A 277 6.81 2.59 -28.19
CA LEU A 277 5.90 3.53 -27.52
C LEU A 277 5.66 3.13 -26.08
N ALA A 278 5.27 1.87 -25.86
CA ALA A 278 5.03 1.41 -24.49
C ALA A 278 6.30 1.50 -23.65
N ALA A 279 7.45 1.14 -24.23
CA ALA A 279 8.72 1.19 -23.49
C ALA A 279 9.11 2.61 -23.09
N MET A 280 8.55 3.64 -23.74
CA MET A 280 8.80 5.01 -23.28
C MET A 280 8.32 5.25 -21.87
N VAL A 281 7.40 4.41 -21.37
CA VAL A 281 7.00 4.58 -19.98
C VAL A 281 8.15 4.20 -19.03
N ALA A 282 8.98 3.24 -19.43
CA ALA A 282 10.07 2.80 -18.56
C ALA A 282 11.00 3.97 -18.27
N PRO A 283 11.54 4.07 -17.05
CA PRO A 283 11.45 3.12 -15.94
C PRO A 283 10.29 3.32 -14.98
N ARG A 284 9.26 4.05 -15.41
CA ARG A 284 8.05 4.19 -14.60
C ARG A 284 7.14 2.98 -14.80
N ALA A 285 5.95 3.01 -14.20
CA ALA A 285 5.11 1.82 -14.11
C ALA A 285 3.92 1.87 -15.08
N MET A 286 3.57 0.69 -15.60
CA MET A 286 2.41 0.58 -16.47
CA MET A 286 2.42 0.57 -16.50
C MET A 286 1.85 -0.83 -16.39
N ILE A 287 0.53 -0.92 -16.39
CA ILE A 287 -0.15 -2.20 -16.61
C ILE A 287 -1.29 -1.95 -17.59
N SER A 288 -1.35 -2.73 -18.65
CA SER A 288 -2.44 -2.62 -19.61
C SER A 288 -3.27 -3.89 -19.61
N PHE A 289 -4.53 -3.73 -19.98
CA PHE A 289 -5.54 -4.77 -19.88
C PHE A 289 -6.16 -4.97 -21.25
N GLU A 290 -6.32 -6.22 -21.67
CA GLU A 290 -6.89 -6.49 -22.99
C GLU A 290 -7.97 -7.57 -22.90
N ASN A 291 -8.77 -7.63 -23.96
CA ASN A 291 -9.97 -8.44 -24.04
C ASN A 291 -9.92 -9.23 -25.34
N THR A 292 -9.87 -10.56 -25.24
CA THR A 292 -9.76 -11.41 -26.42
C THR A 292 -11.11 -11.69 -27.08
N ASP A 293 -12.21 -11.19 -26.52
CA ASP A 293 -13.51 -11.43 -27.13
C ASP A 293 -13.68 -10.70 -28.46
N TYR A 294 -12.92 -9.63 -28.69
CA TYR A 294 -13.09 -8.75 -29.86
C TYR A 294 -11.82 -8.80 -30.70
N LEU A 295 -11.88 -9.54 -31.82
CA LEU A 295 -10.71 -9.59 -32.69
C LEU A 295 -10.35 -8.21 -33.24
N TRP A 296 -11.31 -7.28 -33.29
CA TRP A 296 -10.99 -5.91 -33.68
C TRP A 296 -9.82 -5.36 -32.88
N LEU A 297 -9.70 -5.77 -31.62
CA LEU A 297 -8.64 -5.27 -30.74
C LEU A 297 -7.26 -5.86 -31.08
N SER A 298 -7.17 -6.85 -31.97
CA SER A 298 -5.90 -7.45 -32.39
C SER A 298 -5.22 -8.14 -31.21
N PRO A 299 -5.84 -9.18 -30.64
CA PRO A 299 -5.31 -9.79 -29.40
C PRO A 299 -3.87 -10.27 -29.49
N MET A 300 -3.51 -11.05 -30.51
CA MET A 300 -2.13 -11.54 -30.57
C MET A 300 -1.15 -10.38 -30.63
N SER A 301 -1.49 -9.36 -31.41
CA SER A 301 -0.60 -8.23 -31.56
C SER A 301 -0.32 -7.56 -30.22
N SER A 302 -1.34 -7.40 -29.37
CA SER A 302 -1.10 -6.79 -28.06
C SER A 302 -0.20 -7.65 -27.19
N PHE A 303 -0.42 -8.97 -27.16
CA PHE A 303 0.45 -9.81 -26.34
C PHE A 303 1.89 -9.76 -26.83
N GLY A 304 2.10 -9.92 -28.14
CA GLY A 304 3.47 -9.88 -28.65
C GLY A 304 4.11 -8.52 -28.49
N CYS A 305 3.33 -7.46 -28.74
CA CYS A 305 3.84 -6.11 -28.60
C CYS A 305 4.28 -5.83 -27.17
N MET A 306 3.44 -6.20 -26.20
CA MET A 306 3.80 -5.92 -24.82
C MET A 306 4.89 -6.86 -24.33
N THR A 307 4.93 -8.09 -24.85
CA THR A 307 6.06 -8.99 -24.56
C THR A 307 7.38 -8.37 -25.02
N ALA A 308 7.39 -7.78 -26.22
CA ALA A 308 8.58 -7.09 -26.72
C ALA A 308 8.91 -5.86 -25.88
N ALA A 309 7.90 -5.05 -25.56
CA ALA A 309 8.13 -3.89 -24.71
C ALA A 309 8.70 -4.30 -23.37
N HIS A 310 8.19 -5.41 -22.83
CA HIS A 310 8.62 -5.90 -21.52
C HIS A 310 10.12 -6.09 -21.44
N THR A 311 10.78 -6.44 -22.54
CA THR A 311 12.22 -6.69 -22.47
C THR A 311 12.98 -5.43 -22.04
N VAL A 312 12.43 -4.23 -22.28
CA VAL A 312 13.12 -3.02 -21.84
C VAL A 312 13.12 -2.95 -20.32
N TRP A 313 11.96 -3.15 -19.68
CA TRP A 313 11.95 -3.21 -18.22
C TRP A 313 12.82 -4.33 -17.69
N GLN A 314 12.81 -5.49 -18.36
CA GLN A 314 13.69 -6.58 -17.95
C GLN A 314 15.16 -6.15 -18.03
N GLY A 315 15.55 -5.48 -19.12
CA GLY A 315 16.92 -5.03 -19.26
C GLY A 315 17.32 -3.98 -18.23
N LEU A 316 16.36 -3.19 -17.76
CA LEU A 316 16.57 -2.22 -16.69
C LEU A 316 16.47 -2.82 -15.30
N GLY A 317 16.24 -4.13 -15.19
CA GLY A 317 16.18 -4.75 -13.88
C GLY A 317 14.92 -4.47 -13.10
N ILE A 318 13.86 -4.04 -13.77
CA ILE A 318 12.61 -3.66 -13.09
C ILE A 318 11.41 -4.28 -13.81
N ALA A 319 11.50 -5.58 -14.13
CA ALA A 319 10.44 -6.25 -14.88
C ALA A 319 9.07 -6.08 -14.24
N ASP A 320 8.99 -6.12 -12.92
CA ASP A 320 7.70 -6.08 -12.24
CA ASP A 320 7.70 -6.08 -12.24
C ASP A 320 7.04 -4.71 -12.26
N SER A 321 7.69 -3.69 -12.84
CA SER A 321 7.01 -2.40 -13.00
C SER A 321 6.13 -2.34 -14.25
N HIS A 322 6.11 -3.41 -15.06
CA HIS A 322 5.33 -3.46 -16.29
C HIS A 322 4.44 -4.69 -16.24
N GLY A 323 3.13 -4.48 -16.30
CA GLY A 323 2.19 -5.59 -16.27
C GLY A 323 1.35 -5.67 -17.54
N PHE A 324 0.78 -6.85 -17.79
CA PHE A 324 -0.13 -7.09 -18.90
C PHE A 324 -1.08 -8.20 -18.48
N ALA A 325 -2.39 -7.98 -18.66
CA ALA A 325 -3.38 -9.00 -18.34
C ALA A 325 -4.41 -9.03 -19.45
N GLN A 326 -4.57 -10.20 -20.06
CA GLN A 326 -5.41 -10.36 -21.24
C GLN A 326 -6.33 -11.56 -21.02
N VAL A 327 -7.64 -11.31 -21.02
CA VAL A 327 -8.64 -12.31 -20.72
C VAL A 327 -9.80 -12.13 -21.70
N GLY A 328 -10.72 -13.10 -21.69
CA GLY A 328 -11.96 -12.95 -22.43
C GLY A 328 -13.15 -12.99 -21.50
N GLY A 329 -14.36 -13.05 -22.07
CA GLY A 329 -15.55 -13.30 -21.29
C GLY A 329 -16.24 -12.09 -20.71
N HIS A 330 -16.12 -10.92 -21.35
CA HIS A 330 -16.83 -9.74 -20.87
C HIS A 330 -16.95 -8.71 -21.99
N ALA A 331 -17.87 -7.78 -21.80
CA ALA A 331 -18.17 -6.80 -22.83
C ALA A 331 -17.06 -5.76 -22.92
N HIS A 332 -17.03 -5.06 -24.05
CA HIS A 332 -15.98 -4.08 -24.31
C HIS A 332 -16.10 -2.93 -23.30
N CYS A 333 -15.01 -2.65 -22.59
CA CYS A 333 -14.88 -1.64 -21.54
C CYS A 333 -15.68 -1.97 -20.27
N ALA A 334 -16.29 -3.13 -20.18
CA ALA A 334 -16.80 -3.60 -18.89
C ALA A 334 -15.62 -4.12 -18.09
N TRP A 335 -15.62 -3.85 -16.78
CA TRP A 335 -14.49 -4.27 -15.95
C TRP A 335 -14.78 -5.62 -15.32
N PRO A 336 -13.99 -6.66 -15.58
CA PRO A 336 -14.22 -7.95 -14.93
C PRO A 336 -13.59 -7.98 -13.54
N SER A 337 -14.36 -8.41 -12.54
CA SER A 337 -13.86 -8.43 -11.17
C SER A 337 -12.67 -9.37 -11.00
N SER A 338 -12.51 -10.35 -11.90
CA SER A 338 -11.36 -11.25 -11.86
C SER A 338 -10.03 -10.52 -11.96
N LEU A 339 -10.00 -9.34 -12.59
CA LEU A 339 -8.76 -8.59 -12.77
C LEU A 339 -8.59 -7.48 -11.74
N THR A 340 -9.54 -7.28 -10.84
CA THR A 340 -9.37 -6.23 -9.84
C THR A 340 -8.12 -6.46 -8.99
N PRO A 341 -7.79 -7.67 -8.56
CA PRO A 341 -6.55 -7.84 -7.78
C PRO A 341 -5.30 -7.36 -8.52
N GLN A 342 -5.23 -7.59 -9.84
CA GLN A 342 -4.05 -7.18 -10.60
C GLN A 342 -3.99 -5.66 -10.75
N LEU A 343 -5.14 -5.03 -11.06
CA LEU A 343 -5.21 -3.58 -11.10
C LEU A 343 -4.80 -2.97 -9.78
N ASN A 344 -5.40 -3.46 -8.69
CA ASN A 344 -5.13 -2.89 -7.36
C ASN A 344 -3.69 -3.10 -6.93
N ALA A 345 -3.05 -4.19 -7.37
CA ALA A 345 -1.64 -4.39 -7.03
C ALA A 345 -0.78 -3.25 -7.57
N PHE A 346 -1.03 -2.83 -8.81
CA PHE A 346 -0.25 -1.73 -9.36
C PHE A 346 -0.61 -0.40 -8.72
N ILE A 347 -1.90 -0.14 -8.49
CA ILE A 347 -2.27 1.09 -7.80
C ILE A 347 -1.70 1.10 -6.39
N ASN A 348 -1.81 -0.04 -5.68
CA ASN A 348 -1.31 -0.12 -4.31
C ASN A 348 0.19 0.16 -4.25
N ARG A 349 0.95 -0.44 -5.16
CA ARG A 349 2.40 -0.26 -5.12
C ARG A 349 2.81 1.13 -5.60
N PHE A 350 2.32 1.55 -6.76
CA PHE A 350 2.92 2.73 -7.41
C PHE A 350 2.21 4.03 -7.09
N LEU A 351 0.98 3.98 -6.57
CA LEU A 351 0.29 5.20 -6.16
C LEU A 351 0.03 5.31 -4.66
N LEU A 352 -0.10 4.18 -3.96
CA LEU A 352 -0.41 4.18 -2.52
C LEU A 352 0.76 3.79 -1.63
N ASP A 353 1.94 3.54 -2.20
CA ASP A 353 3.17 3.30 -1.44
C ASP A 353 3.09 2.04 -0.56
N GLN A 354 2.33 1.05 -0.99
CA GLN A 354 2.28 -0.21 -0.27
C GLN A 354 3.28 -1.19 -0.87
N SER A 355 3.63 -2.20 -0.07
CA SER A 355 4.56 -3.25 -0.48
C SER A 355 3.86 -4.35 -1.25
N ALA A 356 3.07 -3.99 -2.25
CA ALA A 356 2.36 -4.96 -3.06
C ALA A 356 3.25 -5.51 -4.18
N THR A 357 3.21 -6.82 -4.39
CA THR A 357 3.90 -7.44 -5.51
C THR A 357 3.11 -7.21 -6.78
N THR A 358 3.82 -7.00 -7.89
CA THR A 358 3.19 -6.59 -9.13
C THR A 358 3.67 -7.45 -10.29
N ASN A 359 3.84 -8.75 -10.06
CA ASN A 359 4.24 -9.66 -11.12
C ASN A 359 2.98 -10.12 -11.84
N VAL A 360 2.65 -9.43 -12.94
CA VAL A 360 1.42 -9.69 -13.69
C VAL A 360 1.77 -9.69 -15.17
N PHE A 361 1.77 -10.87 -15.80
CA PHE A 361 1.99 -10.92 -17.24
C PHE A 361 1.32 -12.20 -17.76
N THR A 362 0.04 -12.08 -18.12
CA THR A 362 -0.79 -13.25 -18.35
C THR A 362 -1.65 -13.07 -19.58
N THR A 363 -1.85 -14.15 -20.32
CA THR A 363 -2.79 -14.17 -21.43
C THR A 363 -3.46 -15.53 -21.45
N ASN A 364 -4.61 -15.59 -22.11
CA ASN A 364 -5.26 -16.88 -22.37
C ASN A 364 -4.87 -17.46 -23.73
N ASN A 365 -4.00 -16.78 -24.49
CA ASN A 365 -3.55 -17.28 -25.78
C ASN A 365 -4.69 -17.45 -26.78
N GLN A 366 -5.82 -16.78 -26.59
CA GLN A 366 -6.94 -16.96 -27.50
C GLN A 366 -6.82 -15.93 -28.61
N PHE A 367 -6.04 -16.28 -29.64
CA PHE A 367 -5.59 -15.35 -30.66
C PHE A 367 -6.21 -15.63 -32.02
N GLY A 368 -7.19 -16.51 -32.10
CA GLY A 368 -7.88 -16.70 -33.37
C GLY A 368 -7.02 -17.46 -34.36
N LYS A 369 -6.93 -16.94 -35.59
CA LYS A 369 -6.32 -17.69 -36.69
C LYS A 369 -4.81 -17.60 -36.73
N VAL A 370 -4.17 -16.92 -35.77
CA VAL A 370 -2.71 -16.87 -35.72
C VAL A 370 -2.23 -17.32 -34.34
N GLN A 371 -0.94 -17.62 -34.27
CA GLN A 371 -0.27 -17.86 -32.99
C GLN A 371 0.83 -16.82 -32.79
N TRP A 372 1.26 -16.69 -31.54
CA TRP A 372 2.41 -15.86 -31.20
C TRP A 372 3.66 -16.73 -31.25
N ASN A 373 4.64 -16.33 -32.05
CA ASN A 373 5.91 -17.04 -32.13
C ASN A 373 6.98 -15.97 -31.92
N ALA A 374 7.49 -15.88 -30.70
CA ALA A 374 8.41 -14.80 -30.34
C ALA A 374 9.62 -14.75 -31.28
N ALA A 375 10.13 -15.91 -31.69
CA ALA A 375 11.31 -15.92 -32.54
C ALA A 375 11.07 -15.29 -33.90
N ASN A 376 9.83 -15.19 -34.36
CA ASN A 376 9.53 -14.55 -35.64
C ASN A 376 9.39 -13.04 -35.54
N TRP A 377 9.46 -12.48 -34.35
CA TRP A 377 9.18 -11.06 -34.19
C TRP A 377 10.21 -10.34 -33.34
N ILE A 378 10.70 -10.99 -32.29
CA ILE A 378 11.67 -10.42 -31.39
C ILE A 378 13.02 -11.00 -31.78
N THR A 379 13.90 -10.17 -32.34
CA THR A 379 15.20 -10.60 -32.84
C THR A 379 16.36 -10.33 -31.89
N TRP A 380 16.15 -9.55 -30.85
CA TRP A 380 17.23 -9.17 -29.94
C TRP A 380 17.21 -10.03 -28.69
N THR A 381 18.40 -10.23 -28.12
CA THR A 381 18.48 -10.70 -26.75
C THR A 381 18.38 -9.49 -25.81
N THR A 382 18.02 -9.76 -24.57
CA THR A 382 17.84 -8.68 -23.61
C THR A 382 19.14 -8.45 -22.86
N PRO A 383 19.76 -7.29 -22.97
CA PRO A 383 20.99 -7.04 -22.22
C PRO A 383 20.68 -6.66 -20.79
N THR A 384 21.64 -6.89 -19.91
CA THR A 384 21.58 -6.39 -18.55
C THR A 384 22.22 -5.01 -18.54
N LEU A 385 21.39 -3.96 -18.62
CA LEU A 385 21.92 -2.61 -18.62
C LEU A 385 22.56 -2.30 -17.27
N THR A 386 23.73 -1.65 -17.30
CA THR A 386 24.57 -1.51 -16.12
C THR A 386 24.40 -0.19 -15.38
N ALA B 8 22.31 6.52 18.78
CA ALA B 8 22.68 5.57 19.83
C ALA B 8 22.39 4.14 19.38
N CYS B 9 21.35 3.97 18.57
CA CYS B 9 21.07 2.70 17.93
C CYS B 9 21.40 2.71 16.45
N GLY B 10 21.96 3.81 15.95
CA GLY B 10 22.15 3.94 14.52
C GLY B 10 20.83 4.05 13.78
N ALA B 11 20.91 3.88 12.47
CA ALA B 11 19.72 3.94 11.64
C ALA B 11 18.87 2.70 11.88
N ILE B 12 17.60 2.90 12.19
CA ILE B 12 16.71 1.79 12.52
C ILE B 12 16.20 1.16 11.23
N ALA B 13 16.40 -0.15 11.09
CA ALA B 13 15.88 -0.88 9.96
C ALA B 13 14.38 -1.07 10.11
N SER B 14 13.62 -0.72 9.06
CA SER B 14 12.18 -0.97 9.04
C SER B 14 11.77 -2.04 8.04
N THR B 15 12.68 -2.51 7.20
CA THR B 15 12.40 -3.61 6.28
C THR B 15 13.60 -4.55 6.27
N VAL B 16 13.33 -5.83 6.01
CA VAL B 16 14.39 -6.80 5.76
C VAL B 16 14.03 -7.51 4.45
N PRO B 17 14.44 -6.96 3.31
CA PRO B 17 13.87 -7.41 2.03
C PRO B 17 14.19 -8.86 1.68
N ASN B 18 15.33 -9.38 2.09
CA ASN B 18 15.76 -10.73 1.75
CA ASN B 18 15.70 -10.75 1.71
C ASN B 18 15.31 -11.78 2.76
N TYR B 19 14.54 -11.40 3.77
CA TYR B 19 14.22 -12.31 4.86
C TYR B 19 13.35 -13.47 4.38
N ASN B 20 13.70 -14.67 4.84
CA ASN B 20 12.94 -15.87 4.47
C ASN B 20 13.26 -16.95 5.50
N ASN B 21 12.37 -17.09 6.49
CA ASN B 21 12.59 -17.99 7.62
C ASN B 21 11.24 -18.58 8.01
N ALA B 22 11.08 -19.88 7.78
CA ALA B 22 9.81 -20.54 8.10
C ALA B 22 9.63 -20.73 9.60
N LYS B 23 10.70 -20.69 10.39
CA LYS B 23 10.57 -20.83 11.83
C LYS B 23 10.51 -19.43 12.44
N LEU B 24 10.51 -19.35 13.78
CA LEU B 24 10.32 -18.05 14.43
C LEU B 24 11.57 -17.19 14.28
N PRO B 25 11.43 -15.92 13.87
CA PRO B 25 12.58 -14.99 13.86
C PRO B 25 13.31 -14.97 15.19
N ASP B 26 14.63 -14.82 15.12
CA ASP B 26 15.53 -14.85 16.28
C ASP B 26 15.49 -13.51 17.02
N PRO B 27 15.01 -13.48 18.27
CA PRO B 27 14.99 -12.20 19.00
C PRO B 27 16.37 -11.61 19.18
N PHE B 28 17.40 -12.45 19.21
CA PHE B 28 18.71 -12.03 19.69
C PHE B 28 19.68 -11.69 18.56
N THR B 29 19.19 -11.49 17.33
CA THR B 29 20.01 -11.06 16.22
C THR B 29 19.33 -9.89 15.54
N PHE B 30 20.05 -8.78 15.42
CA PHE B 30 19.55 -7.62 14.70
C PHE B 30 19.35 -7.93 13.21
N ALA B 31 18.57 -7.08 12.55
CA ALA B 31 18.40 -7.19 11.10
C ALA B 31 19.73 -7.26 10.37
N ASN B 32 20.72 -6.46 10.81
CA ASN B 32 22.02 -6.40 10.14
C ASN B 32 22.94 -7.56 10.50
N GLY B 33 22.49 -8.51 11.32
CA GLY B 33 23.27 -9.68 11.68
C GLY B 33 24.06 -9.54 12.97
N THR B 34 24.12 -8.36 13.55
CA THR B 34 24.79 -8.17 14.84
C THR B 34 24.06 -8.95 15.94
N ALA B 35 24.80 -9.76 16.69
CA ALA B 35 24.20 -10.49 17.80
C ALA B 35 24.04 -9.58 19.01
N LEU B 36 22.89 -9.67 19.66
CA LEU B 36 22.72 -8.99 20.94
C LEU B 36 23.65 -9.60 21.98
N ARG B 37 24.28 -8.74 22.77
CA ARG B 37 25.19 -9.18 23.82
C ARG B 37 24.85 -8.62 25.20
N THR B 38 24.37 -7.39 25.26
CA THR B 38 24.17 -6.68 26.52
C THR B 38 22.69 -6.42 26.75
N LYS B 39 22.33 -6.13 28.00
CA LYS B 39 20.96 -5.75 28.29
C LYS B 39 20.57 -4.47 27.56
N ALA B 40 21.50 -3.51 27.48
CA ALA B 40 21.23 -2.27 26.76
C ALA B 40 20.98 -2.52 25.28
N ASP B 41 21.57 -3.57 24.72
CA ASP B 41 21.26 -3.93 23.33
C ASP B 41 19.78 -4.21 23.12
N TRP B 42 19.09 -4.74 24.13
CA TRP B 42 17.66 -5.03 23.94
C TRP B 42 16.89 -3.76 23.65
N SER B 43 17.32 -2.64 24.23
CA SER B 43 16.63 -1.37 23.95
C SER B 43 16.66 -1.06 22.47
N CYS B 44 17.80 -1.24 21.81
CA CYS B 44 17.89 -0.98 20.38
C CYS B 44 17.14 -2.05 19.58
N ARG B 45 17.18 -3.30 20.02
CA ARG B 45 16.48 -4.34 19.28
C ARG B 45 14.97 -4.12 19.34
N ARG B 46 14.48 -3.69 20.51
CA ARG B 46 13.07 -3.39 20.65
C ARG B 46 12.65 -2.27 19.70
N ALA B 47 13.48 -1.23 19.58
CA ALA B 47 13.19 -0.15 18.64
C ALA B 47 13.14 -0.67 17.21
N GLU B 48 14.05 -1.59 16.87
CA GLU B 48 14.02 -2.21 15.54
C GLU B 48 12.74 -3.02 15.34
N ILE B 49 12.38 -3.83 16.33
CA ILE B 49 11.16 -4.63 16.22
C ILE B 49 9.96 -3.73 16.05
N SER B 50 9.90 -2.63 16.79
CA SER B 50 8.81 -1.67 16.64
C SER B 50 8.69 -1.19 15.21
N ALA B 51 9.82 -0.83 14.60
CA ALA B 51 9.81 -0.35 13.21
C ALA B 51 9.37 -1.45 12.26
N LEU B 52 9.84 -2.68 12.49
CA LEU B 52 9.47 -3.79 11.61
C LEU B 52 7.99 -4.10 11.71
N ILE B 53 7.44 -4.15 12.94
CA ILE B 53 6.02 -4.44 13.08
C ILE B 53 5.17 -3.35 12.44
N GLN B 54 5.57 -2.08 12.60
CA GLN B 54 4.82 -1.01 11.94
C GLN B 54 4.84 -1.18 10.44
N ASN B 55 5.98 -1.58 9.88
CA ASN B 55 6.10 -1.64 8.43
C ASN B 55 5.32 -2.82 7.84
N TYR B 56 5.33 -3.97 8.51
CA TYR B 56 4.75 -5.19 7.95
C TYR B 56 3.30 -5.42 8.33
N GLU B 57 2.87 -5.05 9.54
CA GLU B 57 1.51 -5.43 9.95
C GLU B 57 0.73 -4.36 10.71
N ALA B 58 1.37 -3.32 11.28
CA ALA B 58 0.64 -2.44 12.17
C ALA B 58 0.42 -1.03 11.64
N GLY B 59 1.12 -0.62 10.59
CA GLY B 59 1.02 0.75 10.13
C GLY B 59 1.79 1.69 11.05
N THR B 60 1.76 2.96 10.68
CA THR B 60 2.59 3.97 11.34
C THR B 60 1.95 4.45 12.63
N LEU B 61 2.71 4.36 13.73
CA LEU B 61 2.29 4.92 15.00
C LEU B 61 2.79 6.35 15.10
N PRO B 62 1.90 7.36 15.03
CA PRO B 62 2.38 8.73 15.06
C PRO B 62 2.95 9.08 16.43
N PRO B 63 3.84 10.06 16.51
CA PRO B 63 4.29 10.56 17.80
C PRO B 63 3.24 11.46 18.44
N LYS B 64 3.52 11.88 19.68
CA LYS B 64 2.66 12.82 20.37
C LYS B 64 2.39 14.04 19.48
N PRO B 65 1.13 14.48 19.36
CA PRO B 65 0.83 15.65 18.53
C PRO B 65 1.24 16.94 19.21
N PRO B 66 1.20 18.06 18.50
CA PRO B 66 1.60 19.33 19.12
C PRO B 66 0.76 19.75 20.31
N VAL B 67 -0.51 19.34 20.37
CA VAL B 67 -1.43 19.78 21.41
C VAL B 67 -1.96 18.57 22.16
N VAL B 68 -1.71 18.54 23.47
CA VAL B 68 -2.38 17.58 24.36
C VAL B 68 -2.71 18.31 25.65
N THR B 69 -4.00 18.38 25.99
CA THR B 69 -4.46 19.01 27.22
C THR B 69 -5.41 18.07 27.94
N ALA B 70 -5.58 18.29 29.24
CA ALA B 70 -6.48 17.46 30.03
C ALA B 70 -7.03 18.28 31.18
N SER B 71 -8.29 18.02 31.53
CA SER B 71 -8.89 18.54 32.75
C SER B 71 -9.54 17.37 33.48
N PHE B 72 -9.51 17.43 34.81
CA PHE B 72 -9.98 16.33 35.63
C PHE B 72 -11.10 16.83 36.53
N SER B 73 -12.17 16.05 36.63
CA SER B 73 -13.26 16.29 37.57
C SER B 73 -13.64 14.96 38.19
N LYS B 74 -14.27 15.02 39.37
CA LYS B 74 -14.56 13.82 40.13
C LYS B 74 -15.93 13.94 40.79
N SER B 75 -16.74 12.89 40.63
CA SER B 75 -18.07 12.80 41.23
C SER B 75 -18.16 11.47 41.96
N GLY B 76 -18.34 11.51 43.27
CA GLY B 76 -18.29 10.28 44.04
C GLY B 76 -16.92 9.61 43.87
N ASN B 77 -16.93 8.33 43.54
CA ASN B 77 -15.71 7.57 43.34
C ASN B 77 -15.32 7.47 41.87
N THR B 78 -15.93 8.29 41.00
CA THR B 78 -15.65 8.27 39.57
C THR B 78 -15.02 9.60 39.16
N GLY B 79 -13.84 9.52 38.55
CA GLY B 79 -13.23 10.67 37.94
C GLY B 79 -13.45 10.65 36.43
N THR B 80 -13.40 11.84 35.82
CA THR B 80 -13.49 11.98 34.37
C THR B 80 -12.28 12.77 33.89
N LEU B 81 -11.48 12.15 33.01
CA LEU B 81 -10.27 12.77 32.48
C LEU B 81 -10.61 13.25 31.07
N ALA B 82 -10.92 14.54 30.95
CA ALA B 82 -11.30 15.13 29.66
C ALA B 82 -10.03 15.49 28.89
N ILE B 83 -9.76 14.77 27.81
CA ILE B 83 -8.53 14.89 27.07
C ILE B 83 -8.81 15.57 25.74
N THR B 84 -7.91 16.46 25.34
CA THR B 84 -7.92 17.08 24.03
C THR B 84 -6.57 16.83 23.37
N ALA B 85 -6.59 16.41 22.10
CA ALA B 85 -5.36 16.14 21.37
C ALA B 85 -5.53 16.61 19.94
N GLY B 86 -4.52 17.28 19.40
CA GLY B 86 -4.68 17.81 18.06
C GLY B 86 -3.35 18.24 17.46
N LEU B 87 -3.34 18.24 16.13
CA LEU B 87 -2.20 18.77 15.39
C LEU B 87 -2.11 20.29 15.47
N SER B 88 -2.98 20.93 16.25
CA SER B 88 -2.99 22.37 16.45
C SER B 88 -4.13 22.69 17.41
N ASN B 89 -4.16 23.95 17.88
CA ASN B 89 -5.16 24.35 18.87
C ASN B 89 -6.58 24.30 18.29
N SER B 90 -6.71 24.44 16.98
CA SER B 90 -8.03 24.48 16.32
C SER B 90 -8.34 23.19 15.58
N GLN B 91 -7.49 22.17 15.67
CA GLN B 91 -7.69 20.88 15.00
C GLN B 91 -7.47 19.78 16.05
N THR B 92 -8.45 19.59 16.92
CA THR B 92 -8.34 18.62 17.99
C THR B 92 -9.48 17.61 17.92
N ILE B 93 -9.23 16.47 18.55
CA ILE B 93 -10.26 15.53 18.92
C ILE B 93 -10.33 15.51 20.44
N LYS B 94 -11.44 15.00 20.96
CA LYS B 94 -11.67 14.99 22.40
C LYS B 94 -12.22 13.62 22.82
N PHE B 95 -11.73 13.13 23.96
CA PHE B 95 -12.30 11.94 24.56
C PHE B 95 -12.10 12.04 26.06
N SER B 96 -13.01 11.40 26.82
CA SER B 96 -13.06 11.55 28.27
C SER B 96 -13.22 10.19 28.94
N PRO B 97 -12.15 9.42 29.04
CA PRO B 97 -12.22 8.17 29.82
C PRO B 97 -12.53 8.44 31.29
N THR B 98 -13.22 7.49 31.93
CA THR B 98 -13.56 7.59 33.33
C THR B 98 -12.65 6.69 34.17
N ILE B 99 -12.47 7.07 35.43
CA ILE B 99 -11.64 6.33 36.36
C ILE B 99 -12.49 5.96 37.57
N SER B 100 -12.51 4.67 37.90
CA SER B 100 -13.18 4.18 39.10
C SER B 100 -12.16 4.05 40.21
N TYR B 101 -12.39 4.76 41.32
CA TYR B 101 -11.43 4.78 42.41
C TYR B 101 -11.87 3.88 43.55
N PRO B 102 -10.93 3.21 44.19
CA PRO B 102 -11.21 2.60 45.50
C PRO B 102 -11.62 3.68 46.48
N SER B 103 -12.44 3.31 47.45
CA SER B 103 -12.78 4.25 48.51
C SER B 103 -11.60 4.41 49.46
N GLY B 104 -11.52 5.58 50.06
CA GLY B 104 -10.51 5.84 51.06
C GLY B 104 -9.32 6.63 50.55
N THR B 105 -8.24 6.58 51.34
CA THR B 105 -7.05 7.39 51.15
C THR B 105 -6.09 6.72 50.18
N PRO B 106 -5.60 7.44 49.17
CA PRO B 106 -4.69 6.84 48.19
C PRO B 106 -3.32 6.61 48.78
N PRO B 107 -2.53 5.71 48.18
CA PRO B 107 -1.16 5.50 48.63
C PRO B 107 -0.33 6.78 48.47
N ALA B 108 0.85 6.77 49.09
CA ALA B 108 1.63 7.99 49.27
C ALA B 108 1.77 8.79 47.97
N ASN B 109 2.09 8.11 46.86
CA ASN B 109 2.36 8.80 45.60
C ASN B 109 1.29 8.52 44.55
N GLY B 110 0.06 8.20 44.98
CA GLY B 110 -1.07 8.05 44.10
C GLY B 110 -1.47 6.58 43.92
N TRP B 111 -2.68 6.42 43.37
CA TRP B 111 -3.22 5.08 43.10
C TRP B 111 -2.49 4.41 41.95
N PRO B 112 -2.21 3.11 42.04
CA PRO B 112 -1.91 2.33 40.83
C PRO B 112 -3.17 2.27 39.98
N LEU B 113 -2.97 2.09 38.68
CA LEU B 113 -4.09 2.20 37.75
C LEU B 113 -3.99 1.13 36.68
N ILE B 114 -5.13 0.52 36.35
CA ILE B 114 -5.21 -0.38 35.20
C ILE B 114 -6.10 0.25 34.15
N ILE B 115 -5.52 0.52 32.98
CA ILE B 115 -6.24 0.98 31.80
C ILE B 115 -6.90 -0.24 31.17
N ALA B 116 -8.22 -0.33 31.25
CA ALA B 116 -8.98 -1.50 30.81
C ALA B 116 -9.73 -1.14 29.53
N TYR B 117 -9.35 -1.78 28.42
CA TYR B 117 -10.02 -1.55 27.15
C TYR B 117 -11.49 -1.93 27.29
N GLU B 118 -12.38 -0.95 27.11
CA GLU B 118 -13.82 -1.16 27.26
C GLU B 118 -14.16 -1.87 28.58
N GLY B 119 -13.39 -1.57 29.62
CA GLY B 119 -13.65 -2.10 30.94
C GLY B 119 -12.97 -3.40 31.29
N GLY B 120 -12.45 -4.13 30.30
CA GLY B 120 -11.73 -5.37 30.56
C GLY B 120 -12.66 -6.48 31.01
N SER B 121 -12.07 -7.66 31.24
CA SER B 121 -12.84 -8.80 31.73
C SER B 121 -12.13 -9.53 32.85
N ILE B 122 -11.20 -8.88 33.55
CA ILE B 122 -10.50 -9.46 34.69
C ILE B 122 -11.00 -8.78 35.96
N PRO B 123 -10.99 -9.49 37.10
CA PRO B 123 -11.31 -8.83 38.36
C PRO B 123 -10.15 -7.95 38.80
N ILE B 124 -10.46 -6.73 39.20
CA ILE B 124 -9.45 -5.77 39.65
C ILE B 124 -9.39 -5.84 41.17
N PRO B 125 -8.23 -6.11 41.75
CA PRO B 125 -8.17 -6.28 43.21
C PRO B 125 -8.33 -4.94 43.91
N ALA B 126 -8.56 -5.02 45.23
CA ALA B 126 -8.70 -3.83 46.04
C ALA B 126 -7.45 -2.96 45.93
N GLY B 127 -7.65 -1.66 46.01
CA GLY B 127 -6.54 -0.74 46.02
C GLY B 127 -5.97 -0.39 44.65
N VAL B 128 -6.63 -0.80 43.57
CA VAL B 128 -6.21 -0.45 42.22
C VAL B 128 -7.36 0.30 41.56
N ALA B 129 -7.05 1.43 40.93
CA ALA B 129 -8.04 2.18 40.17
C ALA B 129 -8.16 1.60 38.76
N THR B 130 -9.36 1.70 38.18
CA THR B 130 -9.64 1.21 36.84
C THR B 130 -10.05 2.38 35.95
N LEU B 131 -9.29 2.61 34.87
CA LEU B 131 -9.68 3.55 33.83
C LEU B 131 -10.33 2.78 32.69
N THR B 132 -11.54 3.18 32.31
CA THR B 132 -12.25 2.57 31.18
C THR B 132 -11.94 3.33 29.90
N TYR B 133 -11.27 2.67 28.96
CA TYR B 133 -10.85 3.25 27.69
C TYR B 133 -11.78 2.77 26.59
N SER B 134 -12.53 3.70 25.97
CA SER B 134 -13.43 3.35 24.87
C SER B 134 -12.61 3.32 23.58
N ASN B 135 -11.85 2.23 23.40
CA ASN B 135 -10.96 2.16 22.26
C ASN B 135 -11.72 2.12 20.94
N SER B 136 -12.93 1.56 20.91
CA SER B 136 -13.65 1.50 19.65
C SER B 136 -14.01 2.89 19.14
N ASP B 137 -14.14 3.87 20.05
CA ASP B 137 -14.34 5.25 19.61
C ASP B 137 -13.10 5.79 18.91
N MET B 138 -11.93 5.42 19.40
CA MET B 138 -10.67 5.90 18.83
C MET B 138 -10.43 5.30 17.45
N ALA B 139 -10.75 4.03 17.28
CA ALA B 139 -10.71 3.37 15.97
C ALA B 139 -11.74 2.26 16.00
N GLN B 140 -12.75 2.37 15.14
CA GLN B 140 -13.83 1.41 15.07
C GLN B 140 -13.33 0.05 14.58
N GLN B 141 -14.07 -1.00 14.95
CA GLN B 141 -13.59 -2.37 14.74
C GLN B 141 -14.77 -3.31 14.53
N ASN B 142 -15.70 -2.92 13.66
CA ASN B 142 -16.88 -3.71 13.39
C ASN B 142 -16.66 -4.75 12.30
N SER B 143 -15.97 -4.37 11.24
CA SER B 143 -15.69 -5.24 10.10
C SER B 143 -14.68 -4.51 9.23
N ALA B 144 -14.38 -5.08 8.06
CA ALA B 144 -13.53 -4.39 7.10
C ALA B 144 -14.08 -3.01 6.74
N SER B 145 -15.39 -2.82 6.88
CA SER B 145 -16.01 -1.53 6.56
C SER B 145 -15.60 -0.43 7.53
N SER B 146 -15.02 -0.77 8.67
CA SER B 146 -14.61 0.22 9.65
C SER B 146 -13.30 0.90 9.29
N ARG B 147 -12.65 0.50 8.21
CA ARG B 147 -11.33 0.98 7.87
C ARG B 147 -11.30 2.51 7.84
N GLY B 148 -10.35 3.08 8.59
CA GLY B 148 -10.17 4.52 8.59
C GLY B 148 -11.22 5.31 9.33
N GLN B 149 -12.07 4.64 10.12
CA GLN B 149 -13.12 5.31 10.88
C GLN B 149 -12.76 5.34 12.37
N GLY B 150 -12.97 6.49 12.99
CA GLY B 150 -12.66 6.67 14.39
C GLY B 150 -12.03 8.03 14.66
N LEU B 151 -11.95 8.41 15.94
CA LEU B 151 -11.37 9.70 16.30
C LEU B 151 -9.97 9.85 15.76
N PHE B 152 -9.16 8.78 15.82
CA PHE B 152 -7.77 8.87 15.39
C PHE B 152 -7.69 9.34 13.94
N TYR B 153 -8.55 8.82 13.08
CA TYR B 153 -8.49 9.13 11.65
C TYR B 153 -9.10 10.48 11.31
N GLN B 154 -9.93 11.02 12.20
CA GLN B 154 -10.36 12.39 12.00
C GLN B 154 -9.17 13.34 12.11
N LEU B 155 -8.18 12.98 12.95
CA LEU B 155 -6.97 13.77 13.06
C LEU B 155 -5.98 13.46 11.93
N TYR B 156 -5.71 12.17 11.68
CA TYR B 156 -4.60 11.79 10.83
C TYR B 156 -5.03 11.42 9.41
N GLY B 157 -6.31 11.34 9.13
CA GLY B 157 -6.78 11.04 7.80
C GLY B 157 -7.32 9.61 7.73
N SER B 158 -8.38 9.43 6.95
CA SER B 158 -9.00 8.10 6.86
C SER B 158 -8.15 7.11 6.08
N THR B 159 -7.14 7.56 5.33
CA THR B 159 -6.27 6.61 4.66
C THR B 159 -4.89 6.53 5.32
N HIS B 160 -4.77 7.03 6.55
CA HIS B 160 -3.55 6.85 7.33
C HIS B 160 -3.28 5.35 7.52
N SER B 161 -2.00 4.97 7.49
CA SER B 161 -1.68 3.55 7.52
C SER B 161 -1.95 2.86 8.86
N ALA B 162 -2.03 3.62 9.96
CA ALA B 162 -2.23 2.98 11.26
C ALA B 162 -3.41 2.01 11.25
N SER B 163 -3.18 0.79 11.71
CA SER B 163 -4.26 -0.14 11.99
C SER B 163 -5.12 0.42 13.13
N ALA B 164 -6.31 -0.16 13.30
CA ALA B 164 -7.12 0.24 14.45
C ALA B 164 -6.36 0.02 15.76
N MET B 165 -5.59 -1.07 15.86
CA MET B 165 -4.89 -1.33 17.12
C MET B 165 -3.78 -0.32 17.37
N THR B 166 -3.10 0.09 16.30
CA THR B 166 -2.10 1.15 16.41
C THR B 166 -2.75 2.46 16.81
N ALA B 167 -3.90 2.77 16.24
CA ALA B 167 -4.66 3.94 16.66
C ALA B 167 -5.02 3.85 18.14
N TRP B 168 -5.40 2.65 18.62
CA TRP B 168 -5.69 2.48 20.04
C TRP B 168 -4.48 2.79 20.91
N VAL B 169 -3.29 2.33 20.48
CA VAL B 169 -2.07 2.62 21.23
C VAL B 169 -1.85 4.11 21.32
N TRP B 170 -1.96 4.80 20.19
CA TRP B 170 -1.81 6.25 20.18
C TRP B 170 -2.71 6.89 21.23
N GLY B 171 -3.97 6.45 21.28
CA GLY B 171 -4.89 6.96 22.29
C GLY B 171 -4.41 6.69 23.70
N VAL B 172 -3.92 5.47 23.97
CA VAL B 172 -3.42 5.16 25.30
C VAL B 172 -2.25 6.06 25.65
N SER B 173 -1.40 6.37 24.67
CA SER B 173 -0.27 7.25 24.95
C SER B 173 -0.74 8.65 25.33
N ARG B 174 -1.85 9.11 24.75
CA ARG B 174 -2.39 10.40 25.14
C ARG B 174 -3.00 10.34 26.54
N ILE B 175 -3.62 9.20 26.89
CA ILE B 175 -4.15 9.04 28.24
C ILE B 175 -3.03 9.15 29.26
N ILE B 176 -1.92 8.45 29.03
CA ILE B 176 -0.80 8.55 29.96
C ILE B 176 -0.19 9.94 29.93
N ASP B 177 -0.11 10.57 28.74
CA ASP B 177 0.28 11.97 28.66
C ASP B 177 -0.58 12.83 29.59
N ALA B 178 -1.90 12.62 29.54
CA ALA B 178 -2.83 13.40 30.36
C ALA B 178 -2.62 13.12 31.85
N LEU B 179 -2.50 11.85 32.23
CA LEU B 179 -2.27 11.53 33.64
C LEU B 179 -0.99 12.19 34.16
N GLU B 180 0.06 12.20 33.34
CA GLU B 180 1.34 12.73 33.79
C GLU B 180 1.31 14.24 33.99
N MET B 181 0.34 14.94 33.39
CA MET B 181 0.22 16.38 33.57
C MET B 181 -0.94 16.75 34.47
N THR B 182 -1.61 15.75 35.07
CA THR B 182 -2.83 15.96 35.85
C THR B 182 -2.68 15.30 37.22
N PRO B 183 -1.92 15.93 38.13
CA PRO B 183 -1.71 15.30 39.45
C PRO B 183 -2.97 15.18 40.27
N THR B 184 -4.01 15.99 39.99
CA THR B 184 -5.25 15.87 40.75
C THR B 184 -5.98 14.57 40.48
N ALA B 185 -5.62 13.84 39.42
CA ALA B 185 -6.17 12.51 39.21
C ALA B 185 -5.60 11.48 40.18
N GLN B 186 -4.55 11.85 40.92
CA GLN B 186 -3.96 11.03 41.97
C GLN B 186 -3.62 9.61 41.50
N ILE B 187 -3.07 9.52 40.30
CA ILE B 187 -2.55 8.26 39.76
C ILE B 187 -1.02 8.26 39.86
N ASN B 188 -0.46 7.14 40.28
CA ASN B 188 0.99 6.94 40.24
C ASN B 188 1.34 6.41 38.85
N THR B 189 1.83 7.27 37.98
CA THR B 189 2.04 6.87 36.60
C THR B 189 3.21 5.90 36.45
N GLN B 190 3.95 5.62 37.53
CA GLN B 190 4.92 4.55 37.51
C GLN B 190 4.29 3.18 37.74
N ARG B 191 2.98 3.14 38.06
CA ARG B 191 2.28 1.90 38.39
C ARG B 191 0.99 1.80 37.57
N ILE B 192 1.14 1.82 36.24
CA ILE B 192 0.02 1.72 35.31
C ILE B 192 0.06 0.37 34.62
N GLY B 193 -1.08 -0.34 34.65
CA GLY B 193 -1.26 -1.55 33.88
C GLY B 193 -2.26 -1.34 32.74
N VAL B 194 -2.34 -2.33 31.87
CA VAL B 194 -3.29 -2.31 30.77
C VAL B 194 -3.85 -3.72 30.59
N THR B 195 -5.15 -3.81 30.31
CA THR B 195 -5.80 -5.10 30.10
C THR B 195 -6.93 -4.98 29.09
N GLY B 196 -7.31 -6.13 28.54
CA GLY B 196 -8.46 -6.23 27.66
C GLY B 196 -8.66 -7.68 27.27
N CYS B 197 -9.89 -8.01 26.85
CA CYS B 197 -10.25 -9.37 26.48
C CYS B 197 -10.52 -9.50 24.98
N ALA B 198 -10.05 -10.60 24.40
CA ALA B 198 -10.35 -11.01 23.02
C ALA B 198 -9.84 -9.93 22.07
N ARG B 199 -10.68 -9.34 21.20
CA ARG B 199 -10.20 -8.28 20.33
C ARG B 199 -9.55 -7.17 21.14
N ASP B 200 -10.07 -6.87 22.32
CA ASP B 200 -9.48 -5.85 23.17
C ASP B 200 -8.24 -6.37 23.90
N GLY B 201 -8.08 -7.69 23.97
CA GLY B 201 -6.81 -8.25 24.43
C GLY B 201 -5.71 -8.15 23.39
N LYS B 202 -6.05 -8.33 22.11
CA LYS B 202 -5.08 -7.99 21.07
C LYS B 202 -4.63 -6.55 21.25
N GLY B 203 -5.59 -5.66 21.50
CA GLY B 203 -5.27 -4.25 21.69
C GLY B 203 -4.40 -4.00 22.90
N ALA B 204 -4.70 -4.65 24.02
CA ALA B 204 -3.90 -4.45 25.23
C ALA B 204 -2.47 -4.89 25.03
N LEU B 205 -2.26 -6.00 24.31
CA LEU B 205 -0.90 -6.44 24.04
C LEU B 205 -0.14 -5.38 23.23
N MET B 206 -0.79 -4.85 22.18
CA MET B 206 -0.18 -3.79 21.38
C MET B 206 0.18 -2.58 22.25
N ALA B 207 -0.72 -2.20 23.15
CA ALA B 207 -0.45 -1.06 24.02
C ALA B 207 0.79 -1.30 24.88
N GLY B 208 0.85 -2.45 25.55
CA GLY B 208 1.99 -2.67 26.43
C GLY B 208 3.29 -2.78 25.67
N ALA B 209 3.23 -3.37 24.47
CA ALA B 209 4.43 -3.50 23.66
C ALA B 209 4.97 -2.13 23.27
N PHE B 210 4.09 -1.25 22.77
CA PHE B 210 4.55 -0.02 22.12
C PHE B 210 4.64 1.19 23.04
N GLU B 211 3.95 1.18 24.17
CA GLU B 211 3.92 2.31 25.10
C GLU B 211 4.74 1.95 26.34
N GLU B 212 5.99 2.42 26.39
CA GLU B 212 6.92 1.98 27.42
C GLU B 212 6.55 2.43 28.83
N ARG B 213 5.59 3.33 28.99
CA ARG B 213 5.26 3.76 30.35
C ARG B 213 4.31 2.80 31.05
N ILE B 214 3.89 1.72 30.42
CA ILE B 214 2.99 0.75 31.03
C ILE B 214 3.81 -0.28 31.80
N ALA B 215 3.57 -0.38 33.12
CA ALA B 215 4.34 -1.26 33.98
C ALA B 215 3.92 -2.73 33.86
N LEU B 216 2.64 -3.01 33.65
CA LEU B 216 2.13 -4.38 33.59
C LEU B 216 1.09 -4.52 32.50
N THR B 217 1.24 -5.53 31.64
CA THR B 217 0.36 -5.77 30.51
C THR B 217 -0.37 -7.10 30.73
N ILE B 218 -1.69 -7.10 30.54
CA ILE B 218 -2.50 -8.28 30.86
C ILE B 218 -3.48 -8.60 29.73
N PRO B 219 -3.05 -9.26 28.66
CA PRO B 219 -3.98 -9.69 27.59
C PRO B 219 -4.73 -10.95 28.00
N GLN B 220 -6.04 -10.94 27.78
CA GLN B 220 -6.92 -12.04 28.18
C GLN B 220 -7.60 -12.62 26.95
N GLU B 221 -7.37 -13.91 26.68
CA GLU B 221 -7.94 -14.61 25.53
C GLU B 221 -7.82 -13.80 24.24
N SER B 222 -6.60 -13.35 23.94
CA SER B 222 -6.42 -12.48 22.78
C SER B 222 -6.43 -13.24 21.46
N GLY B 223 -5.96 -14.48 21.45
CA GLY B 223 -6.06 -15.29 20.24
C GLY B 223 -5.18 -14.81 19.11
N SER B 224 -5.63 -15.10 17.88
CA SER B 224 -4.89 -14.77 16.67
C SER B 224 -4.77 -13.26 16.52
N GLY B 225 -3.57 -12.78 16.21
CA GLY B 225 -3.31 -11.35 16.22
C GLY B 225 -3.04 -10.79 17.59
N GLY B 226 -3.11 -11.64 18.62
CA GLY B 226 -2.72 -11.31 19.98
C GLY B 226 -1.47 -12.07 20.38
N ASP B 227 -1.55 -12.90 21.42
CA ASP B 227 -0.38 -13.66 21.88
C ASP B 227 -0.18 -14.97 21.13
N ALA B 228 -0.92 -15.20 20.05
CA ALA B 228 -0.58 -16.27 19.12
C ALA B 228 0.38 -15.75 18.06
N CYS B 229 1.17 -16.66 17.48
CA CYS B 229 2.10 -16.31 16.42
C CYS B 229 1.49 -16.65 15.06
N TRP B 230 1.78 -15.81 14.06
CA TRP B 230 1.24 -16.06 12.72
C TRP B 230 1.72 -17.40 12.17
N ARG B 231 3.03 -17.67 12.27
CA ARG B 231 3.58 -18.88 11.68
C ARG B 231 3.00 -20.13 12.32
N LEU B 232 2.82 -20.10 13.64
CA LEU B 232 2.29 -21.27 14.33
C LEU B 232 0.82 -21.49 14.02
N SER B 233 0.06 -20.40 13.87
CA SER B 233 -1.35 -20.55 13.50
C SER B 233 -1.50 -21.08 12.07
N LYS B 234 -0.60 -20.68 11.16
CA LYS B 234 -0.59 -21.26 9.82
C LYS B 234 -0.33 -22.75 9.88
N TYR B 235 0.60 -23.18 10.74
CA TYR B 235 0.82 -24.61 10.93
C TYR B 235 -0.43 -25.30 11.46
N GLU B 236 -1.13 -24.69 12.41
CA GLU B 236 -2.34 -25.31 12.96
C GLU B 236 -3.41 -25.48 11.90
N ILE B 237 -3.64 -24.43 11.10
CA ILE B 237 -4.74 -24.50 10.14
C ILE B 237 -4.42 -25.49 9.02
N ASP B 238 -3.14 -25.64 8.68
CA ASP B 238 -2.72 -26.63 7.67
C ASP B 238 -2.81 -28.05 8.19
N ASN B 239 -2.92 -28.24 9.50
CA ASN B 239 -2.88 -29.57 10.08
C ASN B 239 -4.18 -29.92 10.81
N GLY B 240 -5.29 -29.31 10.38
CA GLY B 240 -6.61 -29.78 10.75
C GLY B 240 -7.33 -29.01 11.85
N ASN B 241 -6.71 -28.00 12.46
CA ASN B 241 -7.37 -27.23 13.50
C ASN B 241 -8.06 -26.01 12.88
N GLN B 242 -9.33 -25.79 13.22
CA GLN B 242 -10.08 -24.64 12.71
CA GLN B 242 -10.07 -24.65 12.71
C GLN B 242 -9.75 -23.41 13.56
N VAL B 243 -8.53 -22.90 13.36
CA VAL B 243 -8.06 -21.71 14.06
C VAL B 243 -8.27 -20.48 13.18
N GLN B 244 -8.24 -19.31 13.82
CA GLN B 244 -8.06 -18.06 13.10
C GLN B 244 -6.59 -17.90 12.71
N ASP B 245 -6.35 -17.42 11.49
CA ASP B 245 -4.97 -17.23 10.99
C ASP B 245 -4.86 -15.89 10.27
N ALA B 246 -3.63 -15.56 9.87
CA ALA B 246 -3.36 -14.27 9.23
C ALA B 246 -4.23 -14.05 8.01
N VAL B 247 -4.39 -15.08 7.17
CA VAL B 247 -5.12 -14.92 5.91
C VAL B 247 -6.57 -14.51 6.16
N GLU B 248 -7.20 -15.12 7.16
CA GLU B 248 -8.60 -14.83 7.42
C GLU B 248 -8.78 -13.51 8.19
N ILE B 249 -7.86 -13.19 9.10
CA ILE B 249 -8.14 -12.10 10.02
C ILE B 249 -8.15 -10.76 9.30
N VAL B 250 -7.34 -10.62 8.24
CA VAL B 250 -7.28 -9.34 7.56
C VAL B 250 -8.53 -9.06 6.73
N GLY B 251 -9.31 -10.09 6.40
CA GLY B 251 -10.57 -9.86 5.71
C GLY B 251 -11.70 -9.58 6.68
N GLU B 252 -11.52 -10.01 7.93
CA GLU B 252 -12.60 -9.95 8.92
C GLU B 252 -12.72 -8.58 9.58
N ASN B 253 -11.64 -7.84 9.71
CA ASN B 253 -11.68 -6.62 10.51
C ASN B 253 -10.49 -5.75 10.14
N VAL B 254 -10.22 -4.73 10.95
CA VAL B 254 -9.22 -3.72 10.62
C VAL B 254 -8.17 -3.62 11.72
N TRP B 255 -7.93 -4.73 12.42
CA TRP B 255 -6.92 -4.76 13.47
C TRP B 255 -5.49 -4.65 12.94
N PHE B 256 -5.27 -4.82 11.64
CA PHE B 256 -3.95 -4.73 11.04
C PHE B 256 -3.98 -3.77 9.86
N SER B 257 -2.80 -3.31 9.45
CA SER B 257 -2.69 -2.37 8.36
C SER B 257 -3.10 -3.04 7.05
N THR B 258 -3.53 -2.22 6.08
CA THR B 258 -3.83 -2.79 4.77
CA THR B 258 -3.82 -2.77 4.76
C THR B 258 -2.56 -3.39 4.15
N ASN B 259 -1.39 -2.85 4.48
CA ASN B 259 -0.15 -3.39 3.94
C ASN B 259 0.07 -4.84 4.37
N PHE B 260 -0.46 -5.25 5.52
CA PHE B 260 -0.28 -6.63 5.97
C PHE B 260 -0.85 -7.63 4.97
N ASN B 261 -1.84 -7.21 4.15
CA ASN B 261 -2.39 -8.10 3.14
CA ASN B 261 -2.39 -8.11 3.14
C ASN B 261 -1.30 -8.65 2.22
N ASN B 262 -0.25 -7.87 2.01
CA ASN B 262 0.81 -8.27 1.11
C ASN B 262 1.70 -9.35 1.68
N TYR B 263 1.52 -9.72 2.95
CA TYR B 263 2.37 -10.71 3.62
C TYR B 263 1.63 -11.89 4.20
N VAL B 264 0.29 -11.87 4.29
CA VAL B 264 -0.39 -12.95 5.01
C VAL B 264 -0.23 -14.30 4.31
N GLN B 265 0.02 -14.33 3.01
CA GLN B 265 0.30 -15.56 2.29
C GLN B 265 1.79 -15.88 2.21
N LYS B 266 2.65 -15.04 2.79
CA LYS B 266 4.10 -15.14 2.66
C LYS B 266 4.75 -14.90 4.03
N LEU B 267 4.20 -15.55 5.05
CA LEU B 267 4.65 -15.27 6.42
C LEU B 267 6.15 -15.49 6.63
N PRO B 268 6.81 -16.47 5.99
CA PRO B 268 8.25 -16.63 6.22
C PRO B 268 9.05 -15.41 5.85
N THR B 269 8.53 -14.54 4.97
CA THR B 269 9.28 -13.35 4.57
C THR B 269 9.13 -12.19 5.55
N VAL B 270 8.27 -12.34 6.56
CA VAL B 270 8.05 -11.30 7.55
C VAL B 270 9.11 -11.45 8.64
N PRO B 271 9.99 -10.43 8.84
CA PRO B 271 11.09 -10.55 9.82
C PRO B 271 10.68 -10.29 11.26
N GLU B 272 9.43 -10.64 11.59
CA GLU B 272 8.97 -10.62 12.97
C GLU B 272 7.85 -11.63 13.10
N ASP B 273 7.52 -11.97 14.35
CA ASP B 273 6.24 -12.59 14.65
C ASP B 273 5.82 -12.08 16.02
N HIS B 274 4.68 -12.55 16.52
CA HIS B 274 4.16 -11.93 17.73
C HIS B 274 4.90 -12.35 19.00
N HIS B 275 5.85 -13.29 18.90
CA HIS B 275 6.76 -13.47 20.04
C HIS B 275 7.64 -12.25 20.21
N LEU B 276 8.02 -11.61 19.10
CA LEU B 276 8.77 -10.36 19.21
C LEU B 276 7.87 -9.21 19.63
N LEU B 277 6.59 -9.21 19.21
CA LEU B 277 5.66 -8.20 19.68
C LEU B 277 5.55 -8.26 21.20
N ALA B 278 5.35 -9.47 21.74
CA ALA B 278 5.27 -9.63 23.18
C ALA B 278 6.58 -9.22 23.84
N ALA B 279 7.72 -9.59 23.23
CA ALA B 279 9.01 -9.28 23.82
C ALA B 279 9.26 -7.78 23.91
N MET B 280 8.58 -6.97 23.09
CA MET B 280 8.71 -5.52 23.21
C MET B 280 8.30 -5.05 24.60
N VAL B 281 7.51 -5.84 25.34
CA VAL B 281 7.18 -5.43 26.71
C VAL B 281 8.41 -5.48 27.60
N ALA B 282 9.31 -6.44 27.36
CA ALA B 282 10.50 -6.54 28.19
C ALA B 282 11.31 -5.25 28.10
N PRO B 283 11.94 -4.80 29.20
CA PRO B 283 12.09 -5.47 30.50
C PRO B 283 10.97 -5.17 31.49
N ARG B 284 9.83 -4.69 31.00
CA ARG B 284 8.64 -4.51 31.83
C ARG B 284 7.90 -5.85 31.97
N ALA B 285 6.74 -5.84 32.64
CA ALA B 285 6.07 -7.06 33.07
C ALA B 285 4.81 -7.34 32.24
N MET B 286 4.50 -8.63 32.10
CA MET B 286 3.30 -9.04 31.39
CA MET B 286 3.30 -9.05 31.37
C MET B 286 2.92 -10.46 31.79
N ILE B 287 1.62 -10.68 31.98
CA ILE B 287 1.09 -12.03 32.08
C ILE B 287 -0.14 -12.08 31.18
N SER B 288 -0.20 -13.09 30.30
CA SER B 288 -1.36 -13.25 29.45
C SER B 288 -2.02 -14.58 29.78
N PHE B 289 -3.32 -14.64 29.54
CA PHE B 289 -4.16 -15.79 29.87
C PHE B 289 -4.86 -16.28 28.62
N GLU B 290 -4.93 -17.60 28.43
CA GLU B 290 -5.57 -18.16 27.24
C GLU B 290 -6.51 -19.28 27.64
N ASN B 291 -7.43 -19.59 26.73
CA ASN B 291 -8.54 -20.52 26.95
C ASN B 291 -8.49 -21.58 25.86
N THR B 292 -8.22 -22.84 26.24
CA THR B 292 -8.09 -23.89 25.23
C THR B 292 -9.43 -24.39 24.71
N ASP B 293 -10.55 -23.95 25.29
CA ASP B 293 -11.86 -24.40 24.85
C ASP B 293 -12.27 -23.83 23.49
N TYR B 294 -11.56 -22.83 22.97
CA TYR B 294 -11.90 -22.22 21.68
C TYR B 294 -10.72 -22.37 20.73
N LEU B 295 -10.82 -23.35 19.81
CA LEU B 295 -9.75 -23.54 18.82
C LEU B 295 -9.54 -22.28 17.99
N TRP B 296 -10.60 -21.48 17.80
CA TRP B 296 -10.49 -20.24 17.05
C TRP B 296 -9.39 -19.35 17.61
N LEU B 297 -9.12 -19.44 18.92
CA LEU B 297 -8.04 -18.66 19.54
C LEU B 297 -6.64 -19.19 19.22
N SER B 298 -6.53 -20.36 18.59
CA SER B 298 -5.24 -20.95 18.21
C SER B 298 -4.41 -21.31 19.45
N PRO B 299 -4.85 -22.29 20.25
CA PRO B 299 -4.19 -22.51 21.55
C PRO B 299 -2.72 -22.92 21.46
N MET B 300 -2.36 -23.87 20.60
CA MET B 300 -0.95 -24.24 20.51
C MET B 300 -0.11 -23.04 20.13
N SER B 301 -0.61 -22.25 19.17
CA SER B 301 0.15 -21.08 18.71
C SER B 301 0.46 -20.13 19.87
N SER B 302 -0.52 -19.86 20.75
CA SER B 302 -0.24 -18.97 21.87
C SER B 302 0.79 -19.56 22.81
N PHE B 303 0.70 -20.85 23.13
CA PHE B 303 1.69 -21.43 24.04
C PHE B 303 3.09 -21.34 23.44
N GLY B 304 3.25 -21.72 22.19
CA GLY B 304 4.56 -21.68 21.58
C GLY B 304 5.05 -20.27 21.40
N CYS B 305 4.14 -19.37 21.03
CA CYS B 305 4.51 -17.98 20.83
C CYS B 305 5.02 -17.36 22.12
N MET B 306 4.29 -17.57 23.22
CA MET B 306 4.73 -16.98 24.47
C MET B 306 5.94 -17.70 25.05
N THR B 307 6.10 -19.01 24.80
CA THR B 307 7.34 -19.69 25.20
C THR B 307 8.54 -19.07 24.51
N ALA B 308 8.40 -18.76 23.22
CA ALA B 308 9.48 -18.12 22.47
C ALA B 308 9.75 -16.71 22.99
N ALA B 309 8.68 -15.95 23.24
CA ALA B 309 8.87 -14.61 23.78
C ALA B 309 9.57 -14.65 25.13
N HIS B 310 9.28 -15.68 25.93
CA HIS B 310 9.82 -15.76 27.27
C HIS B 310 11.35 -15.80 27.27
N THR B 311 11.96 -16.32 26.20
CA THR B 311 13.42 -16.38 26.17
C THR B 311 14.04 -15.00 26.26
N VAL B 312 13.33 -13.96 25.84
CA VAL B 312 13.90 -12.60 25.96
C VAL B 312 13.98 -12.20 27.43
N TRP B 313 12.88 -12.36 28.18
CA TRP B 313 12.94 -12.08 29.62
C TRP B 313 14.02 -12.94 30.29
N GLN B 314 14.14 -14.21 29.87
CA GLN B 314 15.16 -15.08 30.43
C GLN B 314 16.56 -14.55 30.15
N GLY B 315 16.83 -14.16 28.91
CA GLY B 315 18.14 -13.64 28.58
C GLY B 315 18.46 -12.36 29.31
N LEU B 316 17.43 -11.59 29.66
CA LEU B 316 17.57 -10.36 30.43
C LEU B 316 17.66 -10.61 31.93
N GLY B 317 17.60 -11.87 32.37
CA GLY B 317 17.68 -12.18 33.78
C GLY B 317 16.44 -11.83 34.58
N ILE B 318 15.27 -11.74 33.93
CA ILE B 318 14.05 -11.32 34.61
C ILE B 318 12.89 -12.21 34.17
N ALA B 319 13.10 -13.53 34.20
CA ALA B 319 12.04 -14.44 33.79
C ALA B 319 10.76 -14.23 34.61
N ASP B 320 10.90 -13.85 35.88
CA ASP B 320 9.71 -13.71 36.72
C ASP B 320 8.88 -12.47 36.38
N SER B 321 9.29 -11.67 35.39
CA SER B 321 8.47 -10.56 34.91
C SER B 321 7.50 -10.96 33.80
N HIS B 322 7.49 -12.21 33.36
CA HIS B 322 6.63 -12.62 32.24
C HIS B 322 5.97 -13.94 32.58
N GLY B 323 4.64 -13.98 32.50
CA GLY B 323 3.89 -15.18 32.81
C GLY B 323 2.92 -15.53 31.70
N PHE B 324 2.50 -16.80 31.72
CA PHE B 324 1.51 -17.30 30.78
C PHE B 324 0.74 -18.42 31.46
N ALA B 325 -0.59 -18.34 31.44
CA ALA B 325 -1.44 -19.38 32.04
C ALA B 325 -2.52 -19.74 31.04
N GLN B 326 -2.60 -21.03 30.70
CA GLN B 326 -3.50 -21.49 29.65
C GLN B 326 -4.29 -22.67 30.20
N VAL B 327 -5.62 -22.54 30.22
CA VAL B 327 -6.51 -23.56 30.77
C VAL B 327 -7.73 -23.68 29.87
N GLY B 328 -8.55 -24.70 30.15
CA GLY B 328 -9.86 -24.81 29.53
C GLY B 328 -10.96 -24.78 30.56
N GLY B 329 -12.18 -25.14 30.16
CA GLY B 329 -13.26 -25.31 31.13
C GLY B 329 -14.00 -24.06 31.54
N HIS B 330 -14.05 -23.04 30.70
CA HIS B 330 -14.86 -21.85 31.00
C HIS B 330 -15.20 -21.14 29.70
N ALA B 331 -16.22 -20.29 29.79
CA ALA B 331 -16.72 -19.57 28.62
C ALA B 331 -15.77 -18.45 28.21
N HIS B 332 -15.90 -18.04 26.96
CA HIS B 332 -15.04 -17.01 26.38
C HIS B 332 -15.17 -15.69 27.13
N CYS B 333 -14.05 -15.19 27.65
CA CYS B 333 -13.96 -13.95 28.41
C CYS B 333 -14.61 -14.04 29.79
N ALA B 334 -15.06 -15.22 30.20
CA ALA B 334 -15.41 -15.44 31.60
C ALA B 334 -14.12 -15.69 32.39
N TRP B 335 -14.05 -15.15 33.60
CA TRP B 335 -12.82 -15.27 34.39
C TRP B 335 -12.92 -16.46 35.33
N PRO B 336 -12.06 -17.47 35.20
CA PRO B 336 -12.11 -18.60 36.14
C PRO B 336 -11.36 -18.27 37.42
N SER B 337 -12.04 -18.44 38.55
CA SER B 337 -11.41 -18.13 39.84
C SER B 337 -10.10 -18.88 40.05
N SER B 338 -9.90 -20.01 39.35
CA SER B 338 -8.67 -20.77 39.53
C SER B 338 -7.43 -19.99 39.13
N LEU B 339 -7.56 -18.98 38.27
CA LEU B 339 -6.43 -18.17 37.80
C LEU B 339 -6.26 -16.88 38.59
N THR B 340 -7.15 -16.59 39.53
CA THR B 340 -7.04 -15.33 40.26
C THR B 340 -5.73 -15.22 41.04
N PRO B 341 -5.23 -16.28 41.69
CA PRO B 341 -3.94 -16.13 42.40
C PRO B 341 -2.81 -15.71 41.47
N GLN B 342 -2.77 -16.26 40.25
CA GLN B 342 -1.72 -15.91 39.31
C GLN B 342 -1.84 -14.46 38.86
N LEU B 343 -3.07 -14.04 38.53
CA LEU B 343 -3.30 -12.65 38.16
C LEU B 343 -2.91 -11.69 39.28
N ASN B 344 -3.33 -12.01 40.51
CA ASN B 344 -3.06 -11.11 41.63
C ASN B 344 -1.58 -11.09 41.98
N ALA B 345 -0.86 -12.18 41.75
CA ALA B 345 0.58 -12.15 42.01
C ALA B 345 1.26 -11.08 41.17
N PHE B 346 0.91 -11.02 39.87
CA PHE B 346 1.52 -10.03 38.98
C PHE B 346 1.07 -8.61 39.32
N ILE B 347 -0.23 -8.41 39.59
CA ILE B 347 -0.69 -7.09 40.02
C ILE B 347 -0.02 -6.69 41.32
N ASN B 348 0.01 -7.62 42.29
CA ASN B 348 0.60 -7.31 43.59
C ASN B 348 2.07 -6.91 43.45
N ARG B 349 2.83 -7.65 42.65
CA ARG B 349 4.26 -7.40 42.54
C ARG B 349 4.54 -6.12 41.74
N PHE B 350 3.90 -5.96 40.59
CA PHE B 350 4.30 -4.92 39.66
C PHE B 350 3.45 -3.65 39.72
N LEU B 351 2.24 -3.71 40.28
CA LEU B 351 1.47 -2.49 40.49
C LEU B 351 1.35 -2.07 41.94
N LEU B 352 1.34 -3.01 42.90
CA LEU B 352 1.22 -2.66 44.32
C LEU B 352 2.54 -2.73 45.06
N ASP B 353 3.63 -3.11 44.39
CA ASP B 353 4.96 -3.10 44.99
C ASP B 353 5.03 -4.01 46.22
N GLN B 354 4.43 -5.19 46.10
CA GLN B 354 4.44 -6.19 47.17
C GLN B 354 5.40 -7.32 46.83
N SER B 355 5.75 -8.09 47.87
CA SER B 355 6.73 -9.18 47.75
C SER B 355 6.01 -10.48 47.40
N ALA B 356 5.60 -10.57 46.14
CA ALA B 356 4.90 -11.74 45.63
C ALA B 356 5.74 -12.46 44.59
N THR B 357 5.73 -13.79 44.64
CA THR B 357 6.38 -14.56 43.60
C THR B 357 5.49 -14.55 42.36
N THR B 358 6.15 -14.54 41.19
CA THR B 358 5.45 -14.39 39.92
C THR B 358 5.99 -15.40 38.91
N ASN B 359 6.08 -16.66 39.32
CA ASN B 359 6.55 -17.75 38.46
C ASN B 359 5.31 -18.46 37.93
N VAL B 360 4.87 -18.07 36.74
CA VAL B 360 3.62 -18.59 36.16
C VAL B 360 3.88 -18.91 34.70
N PHE B 361 3.88 -20.21 34.36
CA PHE B 361 3.99 -20.61 32.96
C PHE B 361 3.44 -22.03 32.92
N THR B 362 2.17 -22.15 32.50
CA THR B 362 1.47 -23.43 32.60
CA THR B 362 1.48 -23.42 32.60
C THR B 362 0.52 -23.58 31.43
N THR B 363 0.33 -24.83 31.00
CA THR B 363 -0.65 -25.15 29.98
C THR B 363 -1.11 -26.58 30.18
N ASN B 364 -2.27 -26.90 29.59
CA ASN B 364 -2.79 -28.27 29.62
C ASN B 364 -2.49 -29.05 28.34
N ASN B 365 -1.80 -28.44 27.37
CA ASN B 365 -1.44 -29.10 26.11
C ASN B 365 -2.65 -29.58 25.31
N GLN B 366 -3.84 -29.02 25.56
CA GLN B 366 -5.05 -29.49 24.88
C GLN B 366 -5.17 -28.70 23.59
N PHE B 367 -4.39 -29.14 22.59
CA PHE B 367 -4.11 -28.37 21.38
C PHE B 367 -4.80 -28.92 20.14
N GLY B 368 -5.83 -29.74 20.31
CA GLY B 368 -6.50 -30.28 19.15
C GLY B 368 -5.62 -31.27 18.40
N LYS B 369 -5.52 -31.11 17.08
CA LYS B 369 -4.87 -32.10 16.23
C LYS B 369 -3.37 -31.86 16.04
N VAL B 370 -2.79 -30.89 16.74
CA VAL B 370 -1.36 -30.61 16.60
C VAL B 370 -0.67 -30.70 17.96
N GLN B 371 0.66 -30.72 17.90
CA GLN B 371 1.51 -30.70 19.07
C GLN B 371 2.46 -29.51 18.99
N TRP B 372 2.90 -29.03 20.14
CA TRP B 372 3.97 -28.06 20.23
C TRP B 372 5.29 -28.80 20.35
N ASN B 373 6.20 -28.57 19.41
CA ASN B 373 7.54 -29.13 19.45
C ASN B 373 8.51 -27.95 19.33
N ALA B 374 9.08 -27.53 20.46
CA ALA B 374 9.90 -26.33 20.47
C ALA B 374 11.07 -26.43 19.51
N ALA B 375 11.63 -27.64 19.31
CA ALA B 375 12.78 -27.78 18.43
C ALA B 375 12.46 -27.43 16.98
N ASN B 376 11.18 -27.49 16.59
CA ASN B 376 10.75 -27.16 15.24
C ASN B 376 10.46 -25.68 15.04
N TRP B 377 10.54 -24.87 16.09
CA TRP B 377 10.14 -23.47 15.96
C TRP B 377 11.14 -22.50 16.57
N ILE B 378 11.73 -22.85 17.71
CA ILE B 378 12.72 -22.02 18.37
C ILE B 378 14.09 -22.59 18.01
N THR B 379 14.84 -21.82 17.22
CA THR B 379 16.14 -22.27 16.73
C THR B 379 17.31 -21.67 17.49
N TRP B 380 17.06 -20.78 18.43
CA TRP B 380 18.13 -20.07 19.10
C TRP B 380 18.31 -20.60 20.52
N THR B 381 19.54 -20.57 21.00
CA THR B 381 19.77 -20.72 22.42
C THR B 381 19.59 -19.37 23.08
N THR B 382 19.30 -19.39 24.38
CA THR B 382 19.05 -18.14 25.09
C THR B 382 20.35 -17.63 25.67
N PRO B 383 20.83 -16.46 25.25
CA PRO B 383 22.08 -15.93 25.82
C PRO B 383 21.82 -15.29 27.17
N THR B 384 22.90 -15.12 27.93
CA THR B 384 22.87 -14.36 29.17
C THR B 384 23.34 -12.95 28.82
N LEU B 385 22.39 -12.03 28.69
CA LEU B 385 22.75 -10.67 28.31
C LEU B 385 23.41 -9.97 29.50
N THR B 386 24.52 -9.28 29.25
CA THR B 386 25.40 -8.82 30.33
C THR B 386 25.14 -7.39 30.80
#